data_5W3G
#
_entry.id   5W3G
#
_entity_poly.entity_id   1
_entity_poly.type   'polypeptide(L)'
_entity_poly.pdbx_seq_one_letter_code
;HIHMGSKKKIRLYQFLLDLLRSGDMKDSIWWVDKDKGTFQFSSKHKEALAHRWGIQKGNRKKMTYQKMARALRNYGKTGE
VKKVKKKLTYQFSGEVLGRGGLAERRLPPH
;
_entity_poly.pdbx_strand_id   A
#
# COMPACT_ATOMS: atom_id res chain seq x y z
N HIS A 1 -3.37 -2.88 18.44
CA HIS A 1 -3.51 -1.87 19.55
C HIS A 1 -4.87 -1.21 19.62
N ILE A 2 -5.42 -1.04 20.86
CA ILE A 2 -6.77 -0.57 21.14
C ILE A 2 -7.81 -1.65 20.83
N HIS A 3 -8.62 -2.06 21.85
CA HIS A 3 -9.65 -3.06 21.67
C HIS A 3 -10.76 -2.61 20.73
N MET A 4 -11.17 -3.50 19.79
CA MET A 4 -12.08 -3.18 18.72
C MET A 4 -13.36 -3.97 18.86
N GLY A 5 -14.50 -3.35 18.46
CA GLY A 5 -15.82 -3.99 18.47
C GLY A 5 -15.95 -5.18 17.56
N SER A 6 -15.34 -5.10 16.37
CA SER A 6 -15.33 -6.20 15.41
C SER A 6 -13.91 -6.37 14.90
N LYS A 7 -13.58 -7.59 14.42
CA LYS A 7 -12.27 -7.92 13.88
C LYS A 7 -12.22 -7.58 12.39
N LYS A 8 -11.00 -7.26 11.89
CA LYS A 8 -10.82 -6.92 10.49
C LYS A 8 -9.51 -7.52 10.01
N LYS A 9 -9.38 -7.73 8.69
CA LYS A 9 -8.19 -8.29 8.08
C LYS A 9 -7.75 -7.29 7.02
N ILE A 10 -6.46 -6.90 7.04
CA ILE A 10 -5.84 -6.19 5.96
C ILE A 10 -4.52 -6.85 5.59
N ARG A 11 -3.98 -6.52 4.40
CA ARG A 11 -2.76 -7.06 3.85
C ARG A 11 -2.09 -5.95 3.06
N LEU A 12 -0.82 -6.15 2.61
CA LEU A 12 0.14 -5.09 2.36
C LEU A 12 -0.29 -4.04 1.34
N TYR A 13 -0.85 -4.42 0.17
CA TYR A 13 -1.23 -3.43 -0.84
C TYR A 13 -2.33 -2.49 -0.40
N GLN A 14 -3.25 -2.99 0.45
CA GLN A 14 -4.37 -2.26 1.00
C GLN A 14 -3.88 -1.13 1.90
N PHE A 15 -2.84 -1.42 2.74
CA PHE A 15 -2.28 -0.48 3.70
C PHE A 15 -1.66 0.75 3.04
N LEU A 16 -0.81 0.59 1.99
CA LEU A 16 -0.19 1.71 1.31
C LEU A 16 -1.18 2.61 0.57
N LEU A 17 -2.20 2.06 -0.12
CA LEU A 17 -3.26 2.88 -0.72
C LEU A 17 -4.09 3.59 0.35
N ASP A 18 -4.46 2.89 1.45
CA ASP A 18 -5.19 3.43 2.58
C ASP A 18 -4.42 4.52 3.33
N LEU A 19 -3.08 4.50 3.28
CA LEU A 19 -2.17 5.33 4.06
C LEU A 19 -2.43 6.81 3.80
N LEU A 20 -2.53 7.20 2.51
CA LEU A 20 -2.82 8.54 2.05
C LEU A 20 -4.23 8.99 2.39
N ARG A 21 -5.22 8.08 2.24
CA ARG A 21 -6.64 8.38 2.34
C ARG A 21 -7.15 8.36 3.78
N SER A 22 -6.27 7.95 4.73
CA SER A 22 -6.58 7.76 6.15
C SER A 22 -6.97 9.01 6.92
N GLY A 23 -6.49 10.20 6.48
CA GLY A 23 -6.64 11.45 7.22
C GLY A 23 -5.40 11.82 7.97
N ASP A 24 -4.38 10.93 8.02
CA ASP A 24 -3.05 11.27 8.47
C ASP A 24 -2.33 11.99 7.33
N MET A 25 -1.31 12.83 7.62
CA MET A 25 -0.59 13.58 6.61
C MET A 25 0.25 12.67 5.72
N LYS A 26 0.21 12.88 4.39
CA LYS A 26 0.85 12.00 3.42
C LYS A 26 2.34 12.29 3.26
N ASP A 27 3.07 12.14 4.39
CA ASP A 27 4.50 12.38 4.48
C ASP A 27 5.33 11.20 3.97
N SER A 28 4.95 9.94 4.30
CA SER A 28 5.70 8.78 3.90
C SER A 28 5.46 8.31 2.48
N ILE A 29 4.19 8.32 2.03
CA ILE A 29 3.83 8.00 0.66
C ILE A 29 2.98 9.15 0.21
N TRP A 30 3.31 9.67 -0.98
CA TRP A 30 2.58 10.73 -1.64
C TRP A 30 2.27 10.40 -3.09
N TRP A 31 1.25 11.08 -3.68
CA TRP A 31 0.85 10.89 -5.08
C TRP A 31 1.89 11.50 -6.01
N VAL A 32 2.30 10.78 -7.07
CA VAL A 32 3.02 11.37 -8.18
C VAL A 32 2.01 11.97 -9.13
N ASP A 33 0.97 11.15 -9.46
CA ASP A 33 0.21 11.40 -10.65
C ASP A 33 -1.22 10.96 -10.38
N LYS A 34 -2.19 11.91 -10.32
CA LYS A 34 -3.57 11.61 -10.00
C LYS A 34 -4.30 10.70 -10.99
N ASP A 35 -4.07 10.85 -12.31
CA ASP A 35 -4.72 10.02 -13.32
C ASP A 35 -4.04 8.69 -13.58
N LYS A 36 -2.69 8.66 -13.60
CA LYS A 36 -1.89 7.45 -13.81
C LYS A 36 -1.99 6.55 -12.60
N GLY A 37 -2.00 7.16 -11.40
CA GLY A 37 -2.07 6.45 -10.15
C GLY A 37 -0.74 5.91 -9.73
N THR A 38 0.35 6.57 -10.19
CA THR A 38 1.68 6.46 -9.62
C THR A 38 1.77 7.15 -8.27
N PHE A 39 2.33 6.42 -7.29
CA PHE A 39 2.55 6.88 -5.93
C PHE A 39 4.03 6.82 -5.71
N GLN A 40 4.61 7.82 -5.00
CA GLN A 40 6.03 7.85 -4.75
C GLN A 40 6.28 7.57 -3.29
N PHE A 41 7.23 6.67 -2.95
CA PHE A 41 7.62 6.43 -1.56
C PHE A 41 8.71 7.42 -1.17
N SER A 42 8.63 8.02 0.04
CA SER A 42 9.66 8.93 0.52
C SER A 42 10.88 8.16 1.00
N SER A 43 12.08 8.53 0.51
CA SER A 43 13.33 7.80 0.74
C SER A 43 13.75 7.73 2.20
N LYS A 44 13.65 8.86 2.93
CA LYS A 44 13.97 8.97 4.34
C LYS A 44 13.08 8.09 5.21
N HIS A 45 11.77 8.06 4.89
CA HIS A 45 10.75 7.52 5.76
C HIS A 45 10.46 6.04 5.47
N LYS A 46 11.25 5.37 4.59
CA LYS A 46 11.00 3.97 4.22
C LYS A 46 11.11 3.02 5.42
N GLU A 47 12.18 3.18 6.23
CA GLU A 47 12.38 2.42 7.45
C GLU A 47 11.36 2.72 8.51
N ALA A 48 11.00 4.02 8.69
CA ALA A 48 9.99 4.45 9.65
C ALA A 48 8.59 3.93 9.34
N LEU A 49 8.17 3.91 8.06
CA LEU A 49 6.90 3.33 7.61
C LEU A 49 6.84 1.85 7.89
N ALA A 50 7.90 1.12 7.50
CA ALA A 50 8.03 -0.29 7.76
C ALA A 50 8.07 -0.64 9.25
N HIS A 51 8.85 0.15 10.05
CA HIS A 51 8.94 0.01 11.49
C HIS A 51 7.61 0.23 12.20
N ARG A 52 6.82 1.25 11.78
CA ARG A 52 5.50 1.54 12.34
C ARG A 52 4.53 0.36 12.16
N TRP A 53 4.51 -0.26 10.96
CA TRP A 53 3.76 -1.46 10.64
C TRP A 53 4.28 -2.66 11.43
N GLY A 54 5.62 -2.84 11.52
CA GLY A 54 6.23 -3.90 12.31
C GLY A 54 5.89 -3.82 13.77
N ILE A 55 6.00 -2.63 14.41
CA ILE A 55 5.57 -2.48 15.80
C ILE A 55 4.06 -2.52 15.94
N GLN A 56 3.27 -2.14 14.89
CA GLN A 56 1.82 -2.38 14.90
C GLN A 56 1.48 -3.87 14.94
N LYS A 57 2.17 -4.71 14.13
CA LYS A 57 2.05 -6.16 14.16
C LYS A 57 2.53 -6.79 15.47
N GLY A 58 3.70 -6.38 16.02
CA GLY A 58 4.06 -6.81 17.36
C GLY A 58 5.52 -6.64 17.67
N ASN A 59 5.89 -6.94 18.93
CA ASN A 59 7.27 -6.90 19.41
C ASN A 59 8.18 -7.95 18.78
N ARG A 60 7.67 -9.20 18.63
CA ARG A 60 8.42 -10.38 18.29
C ARG A 60 9.10 -10.37 16.92
N LYS A 61 8.40 -9.90 15.87
CA LYS A 61 8.89 -10.00 14.51
C LYS A 61 9.16 -8.62 13.95
N LYS A 62 10.35 -8.41 13.33
CA LYS A 62 10.69 -7.18 12.66
C LYS A 62 10.04 -7.10 11.28
N MET A 63 9.85 -5.87 10.77
CA MET A 63 9.49 -5.67 9.39
C MET A 63 10.32 -4.48 8.97
N THR A 64 10.88 -4.53 7.74
CA THR A 64 11.87 -3.60 7.27
C THR A 64 11.61 -3.41 5.79
N TYR A 65 12.28 -2.45 5.13
CA TYR A 65 12.02 -2.08 3.75
C TYR A 65 12.25 -3.23 2.78
N GLN A 66 13.33 -4.03 2.93
CA GLN A 66 13.59 -5.14 2.03
C GLN A 66 12.48 -6.15 2.09
N LYS A 67 12.06 -6.43 3.36
CA LYS A 67 11.11 -7.47 3.65
C LYS A 67 9.76 -7.13 3.02
N MET A 68 9.37 -5.83 3.16
CA MET A 68 8.22 -5.25 2.48
C MET A 68 8.37 -5.26 0.97
N ALA A 69 9.55 -4.86 0.43
CA ALA A 69 9.82 -4.78 -1.00
C ALA A 69 9.69 -6.11 -1.71
N ARG A 70 10.21 -7.21 -1.11
CA ARG A 70 10.06 -8.56 -1.63
C ARG A 70 8.60 -9.02 -1.68
N ALA A 71 7.79 -8.71 -0.63
CA ALA A 71 6.36 -8.92 -0.63
C ALA A 71 5.60 -8.04 -1.61
N LEU A 72 5.92 -6.72 -1.66
CA LEU A 72 5.27 -5.72 -2.50
C LEU A 72 5.50 -6.00 -3.98
N ARG A 73 6.74 -6.38 -4.37
CA ARG A 73 7.09 -6.71 -5.73
C ARG A 73 6.28 -7.89 -6.28
N ASN A 74 6.02 -8.89 -5.42
CA ASN A 74 5.31 -10.12 -5.72
C ASN A 74 3.86 -9.88 -6.18
N TYR A 75 3.24 -8.72 -5.86
CA TYR A 75 1.93 -8.37 -6.43
C TYR A 75 1.96 -8.15 -7.94
N GLY A 76 3.15 -7.80 -8.51
CA GLY A 76 3.35 -7.40 -9.90
C GLY A 76 2.94 -8.41 -10.94
N LYS A 77 3.16 -9.72 -10.67
CA LYS A 77 2.75 -10.81 -11.54
C LYS A 77 1.23 -10.92 -11.69
N THR A 78 0.48 -10.63 -10.61
CA THR A 78 -0.98 -10.52 -10.58
C THR A 78 -1.42 -9.21 -11.20
N GLY A 79 -0.72 -8.10 -10.88
CA GLY A 79 -0.87 -6.82 -11.54
C GLY A 79 -1.72 -5.83 -10.80
N GLU A 80 -2.07 -6.12 -9.53
CA GLU A 80 -2.81 -5.21 -8.67
C GLU A 80 -2.03 -3.93 -8.37
N VAL A 81 -0.71 -4.10 -8.08
CA VAL A 81 0.27 -3.04 -7.87
C VAL A 81 1.40 -3.33 -8.84
N LYS A 82 1.78 -2.35 -9.70
CA LYS A 82 2.81 -2.52 -10.71
C LYS A 82 4.01 -1.63 -10.41
N LYS A 83 5.23 -2.21 -10.50
CA LYS A 83 6.50 -1.53 -10.36
C LYS A 83 6.77 -0.57 -11.51
N VAL A 84 7.62 0.45 -11.28
CA VAL A 84 8.08 1.40 -12.26
C VAL A 84 9.59 1.23 -12.26
N LYS A 85 10.28 1.74 -13.30
CA LYS A 85 11.73 1.74 -13.41
C LYS A 85 12.43 2.48 -12.28
N LYS A 86 11.74 3.45 -11.63
CA LYS A 86 12.20 4.00 -10.38
C LYS A 86 11.63 3.16 -9.26
N LYS A 87 12.51 2.58 -8.40
CA LYS A 87 12.18 1.54 -7.43
C LYS A 87 11.13 1.95 -6.41
N LEU A 88 11.22 3.21 -5.92
CA LEU A 88 10.32 3.81 -4.97
C LEU A 88 8.99 4.26 -5.57
N THR A 89 8.76 4.06 -6.89
CA THR A 89 7.50 4.44 -7.52
C THR A 89 6.76 3.18 -7.92
N TYR A 90 5.49 3.03 -7.49
CA TYR A 90 4.57 1.99 -7.94
C TYR A 90 3.31 2.65 -8.44
N GLN A 91 2.58 1.97 -9.35
CA GLN A 91 1.24 2.41 -9.69
C GLN A 91 0.25 1.30 -9.49
N PHE A 92 -0.98 1.71 -9.16
CA PHE A 92 -2.02 0.85 -8.63
C PHE A 92 -3.11 0.68 -9.67
N SER A 93 -3.71 -0.53 -9.72
CA SER A 93 -4.74 -0.88 -10.69
C SER A 93 -6.10 -0.29 -10.34
N GLY A 94 -7.07 -0.35 -11.27
CA GLY A 94 -8.38 0.27 -11.13
C GLY A 94 -9.19 -0.26 -9.96
N GLU A 95 -9.16 -1.59 -9.72
CA GLU A 95 -9.92 -2.24 -8.67
C GLU A 95 -9.51 -1.79 -7.27
N VAL A 96 -8.19 -1.74 -6.99
CA VAL A 96 -7.60 -1.24 -5.74
C VAL A 96 -7.80 0.24 -5.50
N LEU A 97 -7.70 1.08 -6.56
CA LEU A 97 -8.00 2.50 -6.47
C LEU A 97 -9.48 2.75 -6.21
N GLY A 98 -10.33 2.00 -6.94
CA GLY A 98 -11.78 2.09 -6.86
C GLY A 98 -12.41 1.63 -5.58
N ARG A 99 -12.02 0.44 -5.08
CA ARG A 99 -12.63 -0.15 -3.90
C ARG A 99 -11.58 -0.43 -2.85
N GLY A 100 -11.91 -0.13 -1.57
CA GLY A 100 -11.03 -0.34 -0.44
C GLY A 100 -11.85 -0.90 0.67
N GLY A 101 -11.24 -1.67 1.58
CA GLY A 101 -12.00 -2.38 2.61
C GLY A 101 -11.25 -3.60 3.07
N LEU A 102 -12.02 -4.65 3.44
CA LEU A 102 -11.50 -5.90 3.96
C LEU A 102 -12.07 -7.07 3.21
N ALA A 103 -11.32 -8.20 3.17
CA ALA A 103 -11.75 -9.42 2.57
C ALA A 103 -10.92 -10.53 3.20
N GLU A 104 -11.37 -11.79 3.11
CA GLU A 104 -10.58 -12.93 3.55
C GLU A 104 -10.44 -13.88 2.39
N ARG A 105 -9.19 -14.23 2.00
CA ARG A 105 -8.92 -15.19 0.96
C ARG A 105 -7.62 -15.85 1.35
N ARG A 106 -7.46 -17.16 1.05
CA ARG A 106 -6.23 -17.90 1.30
C ARG A 106 -5.13 -17.53 0.32
N LEU A 107 -3.85 -17.67 0.76
CA LEU A 107 -2.70 -17.43 -0.08
C LEU A 107 -1.59 -18.32 0.45
N PRO A 108 -0.56 -18.68 -0.33
CA PRO A 108 0.61 -19.37 0.19
C PRO A 108 1.51 -18.39 0.96
N PRO A 109 2.42 -18.82 1.83
CA PRO A 109 3.42 -17.94 2.42
C PRO A 109 4.44 -17.51 1.38
N HIS A 110 5.07 -16.33 1.56
CA HIS A 110 5.99 -15.75 0.58
C HIS A 110 7.28 -16.59 0.33
N HIS A 1 -20.29 -15.91 18.32
CA HIS A 1 -20.16 -14.52 18.92
C HIS A 1 -21.33 -13.58 18.81
N ILE A 2 -22.30 -13.98 17.98
CA ILE A 2 -23.64 -13.47 17.87
C ILE A 2 -23.68 -12.11 17.20
N HIS A 3 -24.20 -12.05 15.94
CA HIS A 3 -24.57 -10.90 15.11
C HIS A 3 -23.44 -9.99 14.66
N MET A 4 -22.50 -9.66 15.56
CA MET A 4 -21.46 -8.67 15.38
C MET A 4 -20.15 -9.30 15.75
N GLY A 5 -19.05 -8.94 15.03
CA GLY A 5 -17.75 -9.56 15.20
C GLY A 5 -16.70 -8.58 14.78
N SER A 6 -15.44 -9.03 14.68
CA SER A 6 -14.30 -8.17 14.40
C SER A 6 -13.64 -8.66 13.11
N LYS A 7 -13.01 -7.72 12.36
CA LYS A 7 -12.41 -7.98 11.07
C LYS A 7 -11.01 -8.57 11.19
N LYS A 8 -10.63 -9.43 10.23
CA LYS A 8 -9.27 -9.94 10.12
C LYS A 8 -8.32 -8.91 9.54
N LYS A 9 -7.00 -9.02 9.83
CA LYS A 9 -6.03 -8.03 9.45
C LYS A 9 -5.70 -8.03 7.96
N ILE A 10 -5.66 -6.82 7.37
CA ILE A 10 -5.47 -6.53 5.98
C ILE A 10 -4.09 -6.83 5.40
N ARG A 11 -4.06 -7.06 4.07
CA ARG A 11 -2.86 -7.25 3.28
C ARG A 11 -2.12 -5.94 3.00
N LEU A 12 -0.84 -6.05 2.56
CA LEU A 12 0.10 -4.96 2.41
C LEU A 12 -0.37 -3.90 1.41
N TYR A 13 -0.93 -4.27 0.24
CA TYR A 13 -1.35 -3.30 -0.77
C TYR A 13 -2.44 -2.34 -0.26
N GLN A 14 -3.36 -2.87 0.57
CA GLN A 14 -4.46 -2.18 1.20
C GLN A 14 -3.95 -1.14 2.19
N PHE A 15 -2.90 -1.48 2.96
CA PHE A 15 -2.30 -0.63 3.96
C PHE A 15 -1.74 0.65 3.35
N LEU A 16 -0.96 0.55 2.25
CA LEU A 16 -0.48 1.72 1.54
C LEU A 16 -1.60 2.51 0.89
N LEU A 17 -2.61 1.86 0.30
CA LEU A 17 -3.78 2.56 -0.23
C LEU A 17 -4.54 3.31 0.87
N ASP A 18 -4.77 2.73 2.08
CA ASP A 18 -5.49 3.47 3.11
C ASP A 18 -4.72 4.69 3.63
N LEU A 19 -3.37 4.60 3.74
CA LEU A 19 -2.50 5.73 4.02
C LEU A 19 -2.58 6.84 2.97
N LEU A 20 -2.48 6.46 1.67
CA LEU A 20 -2.64 7.36 0.54
C LEU A 20 -4.02 7.98 0.40
N ARG A 21 -5.09 7.18 0.56
CA ARG A 21 -6.47 7.63 0.54
C ARG A 21 -6.84 8.52 1.72
N SER A 22 -6.45 8.15 2.97
CA SER A 22 -6.72 8.93 4.18
C SER A 22 -6.01 10.26 4.23
N GLY A 23 -4.71 10.31 3.84
CA GLY A 23 -3.90 11.52 3.88
C GLY A 23 -3.09 11.63 5.15
N ASP A 24 -3.32 10.73 6.12
CA ASP A 24 -2.46 10.57 7.28
C ASP A 24 -1.11 9.98 6.85
N MET A 25 0.00 10.52 7.39
CA MET A 25 1.37 10.17 7.06
C MET A 25 1.71 10.38 5.58
N LYS A 26 1.21 11.50 4.99
CA LYS A 26 1.36 11.91 3.60
C LYS A 26 2.82 12.13 3.21
N ASP A 27 3.67 12.53 4.19
CA ASP A 27 5.09 12.64 3.98
C ASP A 27 5.84 11.29 3.97
N SER A 28 5.15 10.14 4.22
CA SER A 28 5.78 8.84 4.11
C SER A 28 5.58 8.22 2.75
N ILE A 29 4.32 8.21 2.23
CA ILE A 29 4.03 7.70 0.89
C ILE A 29 3.12 8.75 0.31
N TRP A 30 3.37 9.17 -0.94
CA TRP A 30 2.59 10.22 -1.58
C TRP A 30 2.15 9.92 -3.01
N TRP A 31 1.09 10.65 -3.46
CA TRP A 31 0.55 10.63 -4.79
C TRP A 31 1.47 11.45 -5.66
N VAL A 32 2.00 10.88 -6.76
CA VAL A 32 2.87 11.62 -7.64
C VAL A 32 2.07 12.07 -8.86
N ASP A 33 1.12 11.22 -9.33
CA ASP A 33 0.36 11.50 -10.52
C ASP A 33 -1.04 10.91 -10.32
N LYS A 34 -2.11 11.74 -10.33
CA LYS A 34 -3.48 11.29 -10.16
C LYS A 34 -3.98 10.34 -11.25
N ASP A 35 -3.71 10.65 -12.54
CA ASP A 35 -4.28 9.94 -13.68
C ASP A 35 -3.51 8.66 -14.01
N LYS A 36 -2.15 8.68 -13.95
CA LYS A 36 -1.27 7.54 -14.14
C LYS A 36 -1.44 6.52 -13.05
N GLY A 37 -1.69 7.01 -11.82
CA GLY A 37 -1.89 6.18 -10.65
C GLY A 37 -0.59 5.69 -10.08
N THR A 38 0.49 6.46 -10.34
CA THR A 38 1.79 6.36 -9.70
C THR A 38 1.79 6.90 -8.29
N PHE A 39 2.50 6.19 -7.41
CA PHE A 39 2.73 6.56 -6.03
C PHE A 39 4.19 6.43 -5.75
N GLN A 40 4.77 7.39 -5.00
CA GLN A 40 6.14 7.31 -4.51
C GLN A 40 6.20 7.04 -3.02
N PHE A 41 7.14 6.16 -2.60
CA PHE A 41 7.62 6.10 -1.23
C PHE A 41 8.60 7.24 -1.00
N SER A 42 8.59 7.85 0.21
CA SER A 42 9.62 8.83 0.53
C SER A 42 10.97 8.19 0.80
N SER A 43 12.08 8.92 0.55
CA SER A 43 13.42 8.49 0.96
C SER A 43 13.58 8.47 2.47
N LYS A 44 13.11 9.54 3.15
CA LYS A 44 13.28 9.77 4.57
C LYS A 44 12.57 8.78 5.48
N HIS A 45 11.27 8.47 5.23
CA HIS A 45 10.43 7.86 6.25
C HIS A 45 10.19 6.39 5.99
N LYS A 46 10.87 5.79 4.98
CA LYS A 46 10.64 4.41 4.56
C LYS A 46 10.97 3.38 5.63
N GLU A 47 12.03 3.60 6.44
CA GLU A 47 12.37 2.78 7.58
C GLU A 47 11.32 2.86 8.68
N ALA A 48 10.82 4.07 9.00
CA ALA A 48 9.75 4.30 9.96
C ALA A 48 8.44 3.67 9.53
N LEU A 49 8.06 3.82 8.24
CA LEU A 49 6.87 3.19 7.65
C LEU A 49 6.94 1.68 7.73
N ALA A 50 8.10 1.09 7.33
CA ALA A 50 8.34 -0.32 7.43
C ALA A 50 8.32 -0.85 8.86
N HIS A 51 8.89 -0.09 9.84
CA HIS A 51 8.81 -0.39 11.25
C HIS A 51 7.38 -0.38 11.79
N ARG A 52 6.56 0.63 11.39
CA ARG A 52 5.14 0.68 11.74
C ARG A 52 4.36 -0.49 11.14
N TRP A 53 4.61 -0.85 9.87
CA TRP A 53 4.09 -2.03 9.21
C TRP A 53 4.53 -3.32 9.88
N GLY A 54 5.81 -3.44 10.30
CA GLY A 54 6.30 -4.57 11.05
C GLY A 54 5.57 -4.80 12.36
N ILE A 55 5.30 -3.73 13.15
CA ILE A 55 4.43 -3.86 14.30
C ILE A 55 2.96 -4.01 13.94
N GLN A 56 2.46 -3.50 12.77
CA GLN A 56 1.12 -3.90 12.31
C GLN A 56 0.98 -5.38 11.95
N LYS A 57 1.99 -5.93 11.22
CA LYS A 57 2.09 -7.32 10.82
C LYS A 57 2.22 -8.26 12.01
N GLY A 58 3.08 -7.91 12.99
CA GLY A 58 3.23 -8.63 14.25
C GLY A 58 4.65 -9.04 14.47
N ASN A 59 5.07 -9.13 15.75
CA ASN A 59 6.48 -9.25 16.13
C ASN A 59 6.97 -10.70 16.08
N ARG A 60 6.61 -11.44 15.01
CA ARG A 60 7.09 -12.78 14.71
C ARG A 60 8.56 -12.76 14.27
N LYS A 61 8.92 -11.78 13.41
CA LYS A 61 10.25 -11.59 12.91
C LYS A 61 10.40 -10.10 12.66
N LYS A 62 11.64 -9.59 12.55
CA LYS A 62 11.86 -8.20 12.24
C LYS A 62 11.71 -7.93 10.75
N MET A 63 10.84 -6.95 10.39
CA MET A 63 10.60 -6.54 9.04
C MET A 63 11.16 -5.15 8.83
N THR A 64 11.76 -4.94 7.65
CA THR A 64 12.41 -3.71 7.24
C THR A 64 12.01 -3.48 5.80
N TYR A 65 12.45 -2.35 5.19
CA TYR A 65 11.95 -1.88 3.92
C TYR A 65 12.16 -2.87 2.78
N GLN A 66 13.35 -3.49 2.65
CA GLN A 66 13.59 -4.44 1.59
C GLN A 66 12.74 -5.70 1.66
N LYS A 67 12.45 -6.21 2.89
CA LYS A 67 11.55 -7.34 3.10
C LYS A 67 10.12 -7.02 2.69
N MET A 68 9.63 -5.81 3.06
CA MET A 68 8.35 -5.29 2.60
C MET A 68 8.31 -5.06 1.11
N ALA A 69 9.37 -4.47 0.52
CA ALA A 69 9.46 -4.17 -0.89
C ALA A 69 9.42 -5.41 -1.78
N ARG A 70 10.12 -6.50 -1.42
CA ARG A 70 10.04 -7.78 -2.11
C ARG A 70 8.64 -8.39 -2.05
N ALA A 71 7.97 -8.34 -0.88
CA ALA A 71 6.60 -8.75 -0.74
C ALA A 71 5.62 -7.89 -1.55
N LEU A 72 5.83 -6.55 -1.58
CA LEU A 72 5.07 -5.61 -2.39
C LEU A 72 5.25 -5.88 -3.88
N ARG A 73 6.48 -6.18 -4.33
CA ARG A 73 6.81 -6.45 -5.71
C ARG A 73 6.04 -7.64 -6.27
N ASN A 74 5.84 -8.68 -5.44
CA ASN A 74 5.07 -9.88 -5.75
C ASN A 74 3.58 -9.62 -6.05
N TYR A 75 3.01 -8.43 -5.73
CA TYR A 75 1.67 -8.09 -6.22
C TYR A 75 1.58 -7.92 -7.73
N GLY A 76 2.71 -7.62 -8.43
CA GLY A 76 2.72 -7.29 -9.85
C GLY A 76 2.18 -8.35 -10.77
N LYS A 77 2.51 -9.63 -10.52
CA LYS A 77 1.94 -10.78 -11.21
C LYS A 77 0.44 -10.97 -10.96
N THR A 78 -0.01 -10.70 -9.71
CA THR A 78 -1.41 -10.83 -9.26
C THR A 78 -2.26 -9.71 -9.84
N GLY A 79 -1.75 -8.45 -9.81
CA GLY A 79 -2.29 -7.37 -10.63
C GLY A 79 -2.60 -6.08 -9.92
N GLU A 80 -2.71 -6.04 -8.57
CA GLU A 80 -3.08 -4.81 -7.87
C GLU A 80 -2.08 -3.67 -7.96
N VAL A 81 -0.78 -3.96 -7.75
CA VAL A 81 0.24 -2.93 -7.64
C VAL A 81 1.39 -3.37 -8.51
N LYS A 82 1.84 -2.52 -9.48
CA LYS A 82 2.90 -2.90 -10.40
C LYS A 82 4.02 -1.87 -10.40
N LYS A 83 5.26 -2.40 -10.46
CA LYS A 83 6.55 -1.74 -10.59
C LYS A 83 6.69 -0.92 -11.87
N VAL A 84 7.45 0.19 -11.77
CA VAL A 84 7.82 1.09 -12.85
C VAL A 84 9.33 1.11 -12.93
N LYS A 85 9.92 1.91 -13.85
CA LYS A 85 11.37 2.06 -13.95
C LYS A 85 12.05 2.65 -12.72
N LYS A 86 11.33 3.40 -11.85
CA LYS A 86 11.91 3.94 -10.63
C LYS A 86 11.55 3.06 -9.43
N LYS A 87 12.55 2.71 -8.59
CA LYS A 87 12.45 1.68 -7.56
C LYS A 87 11.43 1.94 -6.45
N LEU A 88 11.34 3.19 -5.96
CA LEU A 88 10.40 3.60 -4.92
C LEU A 88 9.07 4.08 -5.49
N THR A 89 8.86 3.92 -6.80
CA THR A 89 7.61 4.30 -7.46
C THR A 89 6.88 3.02 -7.82
N TYR A 90 5.57 2.95 -7.52
CA TYR A 90 4.67 1.91 -8.03
C TYR A 90 3.43 2.52 -8.63
N GLN A 91 2.83 1.83 -9.62
CA GLN A 91 1.49 2.11 -10.09
C GLN A 91 0.50 1.18 -9.40
N PHE A 92 -0.63 1.75 -8.93
CA PHE A 92 -1.72 0.97 -8.39
C PHE A 92 -2.77 0.84 -9.48
N SER A 93 -3.36 -0.36 -9.62
CA SER A 93 -4.30 -0.68 -10.69
C SER A 93 -5.69 -0.13 -10.42
N GLY A 94 -6.57 -0.11 -11.44
CA GLY A 94 -7.90 0.46 -11.39
C GLY A 94 -8.80 -0.17 -10.34
N GLU A 95 -8.75 -1.51 -10.19
CA GLU A 95 -9.54 -2.22 -9.20
C GLU A 95 -9.21 -1.87 -7.74
N VAL A 96 -7.91 -1.76 -7.39
CA VAL A 96 -7.48 -1.26 -6.09
C VAL A 96 -7.72 0.22 -5.88
N LEU A 97 -7.43 1.07 -6.89
CA LEU A 97 -7.29 2.49 -6.67
C LEU A 97 -8.55 3.25 -7.04
N GLY A 98 -9.20 2.90 -8.18
CA GLY A 98 -10.35 3.61 -8.72
C GLY A 98 -10.02 4.15 -10.08
N ARG A 99 -9.23 5.24 -10.12
CA ARG A 99 -8.77 5.86 -11.35
C ARG A 99 -7.60 5.10 -11.97
N GLY A 100 -7.45 5.20 -13.32
CA GLY A 100 -6.29 4.67 -13.99
C GLY A 100 -6.38 5.06 -15.43
N GLY A 101 -5.29 4.85 -16.19
CA GLY A 101 -5.27 5.18 -17.59
C GLY A 101 -3.93 4.81 -18.16
N LEU A 102 -3.77 4.98 -19.48
CA LEU A 102 -2.52 4.70 -20.18
C LEU A 102 -2.01 6.02 -20.72
N ALA A 103 -0.76 6.42 -20.36
CA ALA A 103 -0.23 7.75 -20.62
C ALA A 103 -0.05 8.12 -22.07
N GLU A 104 0.46 7.13 -22.77
CA GLU A 104 0.63 7.08 -24.20
C GLU A 104 0.68 5.63 -24.61
N ARG A 105 0.23 5.32 -25.86
CA ARG A 105 0.16 3.96 -26.37
C ARG A 105 1.27 3.65 -27.36
N ARG A 106 2.21 4.59 -27.47
CA ARG A 106 3.33 4.54 -28.39
C ARG A 106 4.50 3.74 -27.85
N LEU A 107 5.28 3.13 -28.78
CA LEU A 107 6.49 2.41 -28.46
C LEU A 107 7.66 3.40 -28.37
N PRO A 108 8.41 3.54 -27.27
CA PRO A 108 9.60 4.38 -27.24
C PRO A 108 10.76 3.70 -27.98
N PRO A 109 11.80 4.39 -28.45
CA PRO A 109 12.92 3.72 -29.10
C PRO A 109 13.69 2.86 -28.11
N HIS A 110 14.03 1.62 -28.53
CA HIS A 110 14.68 0.62 -27.70
C HIS A 110 16.12 0.32 -28.18
N HIS A 1 -25.72 -3.63 22.55
CA HIS A 1 -26.48 -4.93 22.40
C HIS A 1 -25.97 -5.86 21.30
N ILE A 2 -25.75 -5.33 20.08
CA ILE A 2 -25.22 -6.09 18.96
C ILE A 2 -24.06 -5.31 18.38
N HIS A 3 -23.15 -6.01 17.66
CA HIS A 3 -22.00 -5.40 17.04
C HIS A 3 -21.99 -5.83 15.59
N MET A 4 -21.60 -4.94 14.68
CA MET A 4 -21.51 -5.25 13.26
C MET A 4 -20.48 -4.32 12.66
N GLY A 5 -19.92 -4.69 11.49
CA GLY A 5 -18.95 -3.87 10.81
C GLY A 5 -18.46 -4.66 9.63
N SER A 6 -17.53 -4.10 8.84
CA SER A 6 -16.92 -4.79 7.72
C SER A 6 -15.87 -5.79 8.18
N LYS A 7 -15.76 -6.93 7.47
CA LYS A 7 -14.72 -7.91 7.70
C LYS A 7 -13.57 -7.64 6.73
N LYS A 8 -12.33 -7.58 7.23
CA LYS A 8 -11.16 -7.35 6.39
C LYS A 8 -9.98 -8.07 7.00
N LYS A 9 -8.93 -8.30 6.18
CA LYS A 9 -7.67 -8.84 6.62
C LYS A 9 -6.66 -7.85 6.10
N ILE A 10 -5.67 -7.43 6.93
CA ILE A 10 -4.78 -6.34 6.59
C ILE A 10 -3.57 -6.88 5.84
N ARG A 11 -3.35 -6.38 4.61
CA ARG A 11 -2.29 -6.78 3.70
C ARG A 11 -1.56 -5.55 3.25
N LEU A 12 -0.37 -5.72 2.61
CA LEU A 12 0.49 -4.65 2.09
C LEU A 12 -0.29 -3.85 1.04
N TYR A 13 -1.13 -4.57 0.26
CA TYR A 13 -2.14 -4.10 -0.67
C TYR A 13 -3.09 -3.04 -0.11
N GLN A 14 -3.69 -3.26 1.08
CA GLN A 14 -4.52 -2.25 1.72
C GLN A 14 -3.71 -1.16 2.37
N PHE A 15 -2.54 -1.50 3.00
CA PHE A 15 -1.81 -0.64 3.90
C PHE A 15 -1.34 0.66 3.24
N LEU A 16 -0.72 0.60 2.04
CA LEU A 16 -0.31 1.81 1.33
C LEU A 16 -1.47 2.68 0.86
N LEU A 17 -2.55 2.08 0.32
CA LEU A 17 -3.75 2.82 -0.09
C LEU A 17 -4.42 3.49 1.13
N ASP A 18 -4.49 2.76 2.27
CA ASP A 18 -4.94 3.27 3.57
C ASP A 18 -4.10 4.44 4.09
N LEU A 19 -2.76 4.40 3.92
CA LEU A 19 -1.87 5.51 4.26
C LEU A 19 -2.16 6.79 3.49
N LEU A 20 -2.43 6.74 2.17
CA LEU A 20 -2.86 7.94 1.43
C LEU A 20 -4.19 8.53 1.87
N ARG A 21 -5.26 7.70 2.07
CA ARG A 21 -6.59 8.20 2.41
C ARG A 21 -6.70 8.74 3.83
N SER A 22 -5.73 8.39 4.70
CA SER A 22 -5.56 8.88 6.07
C SER A 22 -5.36 10.40 6.11
N GLY A 23 -4.56 10.97 5.17
CA GLY A 23 -4.36 12.42 5.10
C GLY A 23 -3.18 12.88 5.91
N ASP A 24 -3.09 12.41 7.17
CA ASP A 24 -1.98 12.68 8.08
C ASP A 24 -0.67 12.09 7.54
N MET A 25 -0.74 10.91 6.92
CA MET A 25 0.39 10.13 6.48
C MET A 25 0.84 10.45 5.05
N LYS A 26 0.40 11.60 4.47
CA LYS A 26 0.87 12.08 3.16
C LYS A 26 2.36 12.40 3.14
N ASP A 27 2.98 12.58 4.32
CA ASP A 27 4.41 12.70 4.50
C ASP A 27 5.18 11.44 4.05
N SER A 28 4.69 10.22 4.38
CA SER A 28 5.40 9.00 4.02
C SER A 28 5.19 8.54 2.59
N ILE A 29 3.94 8.57 2.08
CA ILE A 29 3.62 8.25 0.70
C ILE A 29 2.81 9.40 0.18
N TRP A 30 3.19 9.82 -1.02
CA TRP A 30 2.48 10.84 -1.79
C TRP A 30 2.13 10.38 -3.20
N TRP A 31 1.09 11.04 -3.78
CA TRP A 31 0.64 10.79 -5.14
C TRP A 31 1.57 11.60 -6.04
N VAL A 32 2.33 10.91 -6.92
CA VAL A 32 3.20 11.60 -7.85
C VAL A 32 2.38 12.08 -9.04
N ASP A 33 1.37 11.27 -9.48
CA ASP A 33 0.57 11.56 -10.64
C ASP A 33 -0.83 11.02 -10.39
N LYS A 34 -1.85 11.90 -10.20
CA LYS A 34 -3.22 11.48 -9.92
C LYS A 34 -3.86 10.67 -11.04
N ASP A 35 -3.69 11.09 -12.31
CA ASP A 35 -4.28 10.45 -13.48
C ASP A 35 -3.73 9.05 -13.75
N LYS A 36 -2.40 8.87 -13.65
CA LYS A 36 -1.71 7.60 -13.85
C LYS A 36 -1.99 6.66 -12.70
N GLY A 37 -2.00 7.20 -11.46
CA GLY A 37 -2.13 6.42 -10.26
C GLY A 37 -0.81 5.86 -9.81
N THR A 38 0.29 6.56 -10.16
CA THR A 38 1.61 6.40 -9.59
C THR A 38 1.70 7.02 -8.21
N PHE A 39 2.32 6.28 -7.27
CA PHE A 39 2.56 6.70 -5.92
C PHE A 39 4.05 6.61 -5.70
N GLN A 40 4.63 7.63 -5.06
CA GLN A 40 6.03 7.65 -4.70
C GLN A 40 6.19 7.57 -3.20
N PHE A 41 7.08 6.68 -2.71
CA PHE A 41 7.36 6.52 -1.29
C PHE A 41 8.49 7.47 -0.94
N SER A 42 8.40 8.19 0.21
CA SER A 42 9.44 9.13 0.62
C SER A 42 10.74 8.43 1.00
N SER A 43 11.89 8.92 0.47
CA SER A 43 13.20 8.29 0.63
C SER A 43 13.69 8.21 2.06
N LYS A 44 13.52 9.30 2.84
CA LYS A 44 13.87 9.32 4.25
C LYS A 44 12.98 8.46 5.13
N HIS A 45 11.70 8.28 4.74
CA HIS A 45 10.69 7.72 5.61
C HIS A 45 10.47 6.23 5.31
N LYS A 46 11.18 5.63 4.34
CA LYS A 46 10.95 4.25 3.92
C LYS A 46 11.19 3.22 5.02
N GLU A 47 12.20 3.41 5.88
CA GLU A 47 12.51 2.67 7.05
C GLU A 47 11.41 2.77 8.10
N ALA A 48 10.89 3.99 8.35
CA ALA A 48 9.76 4.27 9.23
C ALA A 48 8.45 3.67 8.74
N LEU A 49 8.19 3.73 7.41
CA LEU A 49 7.03 3.19 6.72
C LEU A 49 6.96 1.67 6.90
N ALA A 50 8.11 1.01 6.67
CA ALA A 50 8.37 -0.38 6.95
C ALA A 50 8.29 -0.75 8.42
N HIS A 51 8.83 0.08 9.34
CA HIS A 51 8.74 -0.11 10.79
C HIS A 51 7.30 -0.10 11.29
N ARG A 52 6.45 0.82 10.80
CA ARG A 52 5.02 0.84 11.09
C ARG A 52 4.30 -0.42 10.62
N TRP A 53 4.65 -0.95 9.43
CA TRP A 53 4.21 -2.24 8.91
C TRP A 53 4.68 -3.40 9.79
N GLY A 54 5.93 -3.35 10.29
CA GLY A 54 6.45 -4.27 11.30
C GLY A 54 5.67 -4.22 12.61
N ILE A 55 5.29 -3.02 13.07
CA ILE A 55 4.34 -2.80 14.17
C ILE A 55 2.97 -3.37 13.84
N GLN A 56 2.44 -3.20 12.60
CA GLN A 56 1.17 -3.82 12.21
C GLN A 56 1.21 -5.35 12.22
N LYS A 57 2.30 -5.96 11.69
CA LYS A 57 2.54 -7.40 11.79
C LYS A 57 2.75 -7.91 13.21
N GLY A 58 3.56 -7.19 14.03
CA GLY A 58 3.97 -7.61 15.35
C GLY A 58 5.42 -8.00 15.33
N ASN A 59 6.19 -7.64 16.38
CA ASN A 59 7.64 -7.69 16.35
C ASN A 59 8.20 -9.06 16.70
N ARG A 60 7.64 -10.13 16.08
CA ARG A 60 8.15 -11.49 16.12
C ARG A 60 9.47 -11.63 15.39
N LYS A 61 9.58 -10.99 14.22
CA LYS A 61 10.76 -11.00 13.38
C LYS A 61 10.91 -9.59 12.85
N LYS A 62 12.17 -9.11 12.65
CA LYS A 62 12.45 -7.76 12.18
C LYS A 62 11.92 -7.52 10.77
N MET A 63 11.19 -6.40 10.57
CA MET A 63 10.74 -5.95 9.27
C MET A 63 11.63 -4.80 8.84
N THR A 64 12.01 -4.81 7.55
CA THR A 64 12.87 -3.83 6.91
C THR A 64 12.29 -3.63 5.54
N TYR A 65 12.72 -2.59 4.80
CA TYR A 65 12.13 -2.20 3.52
C TYR A 65 12.20 -3.31 2.49
N GLN A 66 13.36 -3.99 2.33
CA GLN A 66 13.49 -5.04 1.35
C GLN A 66 12.61 -6.25 1.61
N LYS A 67 12.36 -6.61 2.90
CA LYS A 67 11.45 -7.67 3.29
C LYS A 67 10.01 -7.36 2.90
N MET A 68 9.55 -6.11 3.13
CA MET A 68 8.28 -5.59 2.66
C MET A 68 8.23 -5.52 1.13
N ALA A 69 9.32 -5.06 0.49
CA ALA A 69 9.46 -4.95 -0.95
C ALA A 69 9.32 -6.26 -1.68
N ARG A 70 9.85 -7.38 -1.16
CA ARG A 70 9.62 -8.69 -1.78
C ARG A 70 8.14 -9.07 -1.81
N ALA A 71 7.40 -8.81 -0.71
CA ALA A 71 5.95 -8.95 -0.67
C ALA A 71 5.22 -7.99 -1.61
N LEU A 72 5.64 -6.70 -1.66
CA LEU A 72 5.16 -5.67 -2.57
C LEU A 72 5.42 -5.96 -4.04
N ARG A 73 6.62 -6.45 -4.40
CA ARG A 73 6.98 -6.91 -5.72
C ARG A 73 6.17 -8.11 -6.20
N ASN A 74 5.85 -9.08 -5.32
CA ASN A 74 5.07 -10.27 -5.64
C ASN A 74 3.64 -9.99 -6.12
N TYR A 75 3.06 -8.79 -5.83
CA TYR A 75 1.80 -8.36 -6.44
C TYR A 75 1.92 -8.13 -7.94
N GLY A 76 3.14 -7.82 -8.45
CA GLY A 76 3.44 -7.37 -9.80
C GLY A 76 3.03 -8.31 -10.91
N LYS A 77 3.16 -9.64 -10.70
CA LYS A 77 2.71 -10.66 -11.63
C LYS A 77 1.21 -10.64 -11.90
N THR A 78 0.40 -10.35 -10.85
CA THR A 78 -1.04 -10.14 -10.92
C THR A 78 -1.32 -8.76 -11.48
N GLY A 79 -0.56 -7.74 -11.01
CA GLY A 79 -0.61 -6.39 -11.56
C GLY A 79 -1.49 -5.47 -10.78
N GLU A 80 -1.91 -5.89 -9.57
CA GLU A 80 -2.73 -5.12 -8.64
C GLU A 80 -2.03 -3.85 -8.17
N VAL A 81 -0.74 -4.03 -7.82
CA VAL A 81 0.22 -2.98 -7.58
C VAL A 81 1.39 -3.33 -8.47
N LYS A 82 1.85 -2.39 -9.32
CA LYS A 82 2.88 -2.64 -10.32
C LYS A 82 4.08 -1.73 -10.11
N LYS A 83 5.30 -2.33 -10.13
CA LYS A 83 6.57 -1.65 -9.99
C LYS A 83 6.90 -0.75 -11.18
N VAL A 84 7.73 0.28 -10.94
CA VAL A 84 8.18 1.25 -11.92
C VAL A 84 9.69 1.12 -11.94
N LYS A 85 10.37 1.67 -12.97
CA LYS A 85 11.81 1.70 -13.09
C LYS A 85 12.52 2.43 -11.95
N LYS A 86 11.82 3.35 -11.25
CA LYS A 86 12.32 3.96 -10.04
C LYS A 86 11.86 3.12 -8.86
N LYS A 87 12.78 2.74 -7.95
CA LYS A 87 12.61 1.72 -6.93
C LYS A 87 11.47 1.99 -5.95
N LEU A 88 11.31 3.26 -5.54
CA LEU A 88 10.35 3.68 -4.54
C LEU A 88 9.02 4.11 -5.15
N THR A 89 8.81 3.88 -6.47
CA THR A 89 7.60 4.29 -7.17
C THR A 89 6.83 3.04 -7.59
N TYR A 90 5.53 2.96 -7.25
CA TYR A 90 4.60 1.95 -7.70
C TYR A 90 3.38 2.59 -8.28
N GLN A 91 2.65 1.88 -9.18
CA GLN A 91 1.33 2.33 -9.59
C GLN A 91 0.30 1.24 -9.43
N PHE A 92 -0.95 1.67 -9.19
CA PHE A 92 -2.02 0.84 -8.69
C PHE A 92 -3.09 0.61 -9.75
N SER A 93 -3.72 -0.58 -9.73
CA SER A 93 -4.70 -1.01 -10.71
C SER A 93 -6.10 -0.46 -10.45
N GLY A 94 -7.05 -0.68 -11.39
CA GLY A 94 -8.42 -0.22 -11.30
C GLY A 94 -9.20 -0.77 -10.12
N GLU A 95 -9.02 -2.07 -9.82
CA GLU A 95 -9.75 -2.77 -8.76
C GLU A 95 -9.47 -2.21 -7.36
N VAL A 96 -8.19 -1.92 -7.06
CA VAL A 96 -7.74 -1.29 -5.82
C VAL A 96 -8.17 0.15 -5.61
N LEU A 97 -8.11 1.00 -6.66
CA LEU A 97 -8.71 2.33 -6.65
C LEU A 97 -10.22 2.29 -6.54
N GLY A 98 -10.86 1.37 -7.28
CA GLY A 98 -12.30 1.22 -7.33
C GLY A 98 -12.87 0.47 -6.15
N ARG A 99 -12.70 1.04 -4.94
CA ARG A 99 -13.22 0.48 -3.71
C ARG A 99 -14.74 0.47 -3.72
N GLY A 100 -15.34 -0.66 -3.29
CA GLY A 100 -16.74 -0.99 -3.58
C GLY A 100 -16.82 -2.13 -4.55
N GLY A 101 -15.70 -2.46 -5.23
CA GLY A 101 -15.56 -3.65 -6.06
C GLY A 101 -15.39 -4.91 -5.23
N LEU A 102 -16.46 -5.27 -4.50
CA LEU A 102 -16.56 -6.37 -3.55
C LEU A 102 -16.35 -7.72 -4.19
N ALA A 103 -16.94 -7.87 -5.37
CA ALA A 103 -16.92 -9.07 -6.16
C ALA A 103 -15.63 -9.18 -6.96
N GLU A 104 -14.67 -9.97 -6.42
CA GLU A 104 -13.34 -10.17 -6.97
C GLU A 104 -13.37 -10.89 -8.30
N ARG A 105 -12.64 -10.36 -9.31
CA ARG A 105 -12.50 -11.04 -10.58
C ARG A 105 -11.42 -12.13 -10.53
N ARG A 106 -11.45 -13.08 -11.50
CA ARG A 106 -10.43 -14.10 -11.63
C ARG A 106 -9.10 -13.56 -12.14
N LEU A 107 -8.00 -14.32 -11.90
CA LEU A 107 -6.65 -13.91 -12.20
C LEU A 107 -6.31 -13.62 -13.67
N PRO A 108 -6.66 -14.36 -14.74
CA PRO A 108 -6.30 -13.97 -16.09
C PRO A 108 -7.14 -12.78 -16.59
N PRO A 109 -6.72 -11.98 -17.57
CA PRO A 109 -7.47 -10.83 -18.04
C PRO A 109 -8.75 -11.19 -18.75
N HIS A 110 -8.87 -12.43 -19.28
CA HIS A 110 -10.08 -12.92 -19.92
C HIS A 110 -10.24 -14.45 -19.75
N HIS A 1 -15.14 -1.11 26.83
CA HIS A 1 -15.03 -2.18 25.78
C HIS A 1 -13.84 -3.12 25.91
N ILE A 2 -14.06 -4.45 25.79
CA ILE A 2 -13.00 -5.48 25.83
C ILE A 2 -12.08 -5.36 24.62
N HIS A 3 -12.66 -5.20 23.42
CA HIS A 3 -11.96 -4.77 22.23
C HIS A 3 -12.65 -3.49 21.82
N MET A 4 -11.88 -2.41 21.55
CA MET A 4 -12.38 -1.05 21.51
C MET A 4 -13.42 -0.78 20.43
N GLY A 5 -13.19 -1.29 19.21
CA GLY A 5 -14.05 -1.01 18.07
C GLY A 5 -14.08 -2.16 17.11
N SER A 6 -13.67 -1.91 15.84
CA SER A 6 -13.64 -2.92 14.80
C SER A 6 -12.45 -3.87 14.88
N LYS A 7 -12.61 -5.08 14.30
CA LYS A 7 -11.52 -5.99 14.05
C LYS A 7 -11.44 -6.16 12.55
N LYS A 8 -10.22 -6.02 11.96
CA LYS A 8 -10.05 -6.12 10.53
C LYS A 8 -8.68 -6.70 10.25
N LYS A 9 -8.56 -7.63 9.27
CA LYS A 9 -7.29 -8.16 8.84
C LYS A 9 -6.79 -7.25 7.71
N ILE A 10 -5.51 -6.81 7.77
CA ILE A 10 -4.99 -5.78 6.88
C ILE A 10 -4.03 -6.42 5.89
N ARG A 11 -4.23 -6.14 4.57
CA ARG A 11 -3.32 -6.51 3.50
C ARG A 11 -2.33 -5.39 3.22
N LEU A 12 -1.12 -5.70 2.71
CA LEU A 12 -0.07 -4.73 2.45
C LEU A 12 -0.46 -3.68 1.43
N TYR A 13 -1.09 -4.05 0.29
CA TYR A 13 -1.51 -3.08 -0.71
C TYR A 13 -2.57 -2.11 -0.19
N GLN A 14 -3.49 -2.62 0.66
CA GLN A 14 -4.49 -1.83 1.37
C GLN A 14 -3.84 -0.85 2.33
N PHE A 15 -2.78 -1.26 3.06
CA PHE A 15 -2.08 -0.43 4.03
C PHE A 15 -1.48 0.81 3.40
N LEU A 16 -0.74 0.69 2.27
CA LEU A 16 -0.23 1.85 1.58
C LEU A 16 -1.31 2.72 0.97
N LEU A 17 -2.37 2.13 0.37
CA LEU A 17 -3.48 2.88 -0.16
C LEU A 17 -4.26 3.63 0.94
N ASP A 18 -4.52 3.01 2.14
CA ASP A 18 -5.23 3.67 3.23
C ASP A 18 -4.45 4.79 3.92
N LEU A 19 -3.11 4.72 3.88
CA LEU A 19 -2.22 5.80 4.31
C LEU A 19 -2.45 7.10 3.53
N LEU A 20 -2.61 7.03 2.18
CA LEU A 20 -3.07 8.18 1.41
C LEU A 20 -4.47 8.65 1.75
N ARG A 21 -5.46 7.73 1.88
CA ARG A 21 -6.84 8.08 2.17
C ARG A 21 -7.05 8.71 3.55
N SER A 22 -6.42 8.14 4.60
CA SER A 22 -6.54 8.62 5.97
C SER A 22 -5.80 9.91 6.27
N GLY A 23 -4.59 10.12 5.68
CA GLY A 23 -3.74 11.26 6.01
C GLY A 23 -2.89 11.04 7.23
N ASP A 24 -2.87 9.79 7.75
CA ASP A 24 -2.06 9.39 8.88
C ASP A 24 -0.63 9.16 8.38
N MET A 25 0.35 9.98 8.86
CA MET A 25 1.70 10.08 8.32
C MET A 25 1.71 10.44 6.84
N LYS A 26 1.03 11.56 6.50
CA LYS A 26 0.67 11.99 5.15
C LYS A 26 1.85 12.13 4.21
N ASP A 27 3.01 12.63 4.68
CA ASP A 27 4.19 12.77 3.87
C ASP A 27 5.04 11.50 3.71
N SER A 28 4.63 10.32 4.25
CA SER A 28 5.37 9.09 4.04
C SER A 28 5.20 8.51 2.66
N ILE A 29 3.95 8.51 2.13
CA ILE A 29 3.64 8.14 0.77
C ILE A 29 2.84 9.30 0.27
N TRP A 30 3.16 9.73 -0.95
CA TRP A 30 2.37 10.71 -1.66
C TRP A 30 2.05 10.26 -3.08
N TRP A 31 1.00 10.87 -3.67
CA TRP A 31 0.59 10.63 -5.05
C TRP A 31 1.56 11.38 -5.94
N VAL A 32 2.29 10.67 -6.80
CA VAL A 32 3.17 11.31 -7.76
C VAL A 32 2.34 11.83 -8.93
N ASP A 33 1.28 11.06 -9.30
CA ASP A 33 0.44 11.37 -10.43
C ASP A 33 -0.97 10.88 -10.10
N LYS A 34 -1.98 11.78 -9.95
CA LYS A 34 -3.34 11.37 -9.66
C LYS A 34 -4.02 10.54 -10.75
N ASP A 35 -3.86 10.92 -12.04
CA ASP A 35 -4.47 10.23 -13.18
C ASP A 35 -3.92 8.84 -13.45
N LYS A 36 -2.58 8.66 -13.32
CA LYS A 36 -1.86 7.42 -13.58
C LYS A 36 -2.05 6.41 -12.47
N GLY A 37 -2.13 6.90 -11.21
CA GLY A 37 -2.23 6.03 -10.05
C GLY A 37 -0.89 5.49 -9.63
N THR A 38 0.17 6.23 -10.00
CA THR A 38 1.50 6.16 -9.42
C THR A 38 1.60 6.83 -8.08
N PHE A 39 2.30 6.15 -7.16
CA PHE A 39 2.58 6.62 -5.82
C PHE A 39 4.07 6.49 -5.65
N GLN A 40 4.72 7.47 -4.99
CA GLN A 40 6.10 7.29 -4.56
C GLN A 40 6.24 7.36 -3.05
N PHE A 41 7.17 6.54 -2.54
CA PHE A 41 7.50 6.37 -1.14
C PHE A 41 8.61 7.35 -0.77
N SER A 42 8.49 8.01 0.40
CA SER A 42 9.48 8.95 0.88
C SER A 42 10.78 8.25 1.27
N SER A 43 11.95 8.73 0.75
CA SER A 43 13.26 8.17 1.04
C SER A 43 13.66 8.30 2.49
N LYS A 44 13.42 9.48 3.12
CA LYS A 44 13.74 9.73 4.51
C LYS A 44 12.90 8.92 5.50
N HIS A 45 11.67 8.50 5.10
CA HIS A 45 10.78 7.75 5.96
C HIS A 45 10.79 6.28 5.61
N LYS A 46 11.75 5.80 4.78
CA LYS A 46 11.75 4.47 4.19
C LYS A 46 11.74 3.36 5.23
N GLU A 47 12.60 3.47 6.26
CA GLU A 47 12.69 2.63 7.39
C GLU A 47 11.44 2.67 8.27
N ALA A 48 10.89 3.88 8.55
CA ALA A 48 9.70 4.08 9.36
C ALA A 48 8.44 3.50 8.75
N LEU A 49 8.26 3.69 7.43
CA LEU A 49 7.15 3.24 6.61
C LEU A 49 7.05 1.71 6.63
N ALA A 50 8.21 1.05 6.41
CA ALA A 50 8.38 -0.39 6.56
C ALA A 50 8.25 -0.90 8.00
N HIS A 51 8.89 -0.24 9.00
CA HIS A 51 8.90 -0.65 10.40
C HIS A 51 7.52 -0.65 11.02
N ARG A 52 6.70 0.40 10.73
CA ARG A 52 5.33 0.50 11.22
C ARG A 52 4.46 -0.64 10.75
N TRP A 53 4.58 -1.08 9.47
CA TRP A 53 3.89 -2.21 8.88
C TRP A 53 4.16 -3.51 9.60
N GLY A 54 5.45 -3.78 9.94
CA GLY A 54 5.83 -4.97 10.71
C GLY A 54 5.21 -5.04 12.06
N ILE A 55 5.18 -3.90 12.80
CA ILE A 55 4.44 -3.75 14.04
C ILE A 55 2.93 -3.83 13.82
N GLN A 56 2.38 -3.14 12.78
CA GLN A 56 0.95 -3.02 12.55
C GLN A 56 0.25 -4.33 12.25
N LYS A 57 0.86 -5.18 11.40
CA LYS A 57 0.22 -6.40 10.94
C LYS A 57 -0.01 -7.49 11.98
N GLY A 58 0.88 -7.65 12.97
CA GLY A 58 0.78 -8.70 13.96
C GLY A 58 2.15 -9.03 14.49
N ASN A 59 2.33 -10.25 15.03
CA ASN A 59 3.60 -10.71 15.59
C ASN A 59 4.55 -11.23 14.52
N ARG A 60 4.89 -10.36 13.54
CA ARG A 60 5.74 -10.65 12.41
C ARG A 60 7.21 -10.40 12.74
N LYS A 61 8.13 -11.15 12.09
CA LYS A 61 9.57 -10.95 12.14
C LYS A 61 9.95 -9.56 11.62
N LYS A 62 10.89 -8.86 12.30
CA LYS A 62 11.07 -7.43 12.22
C LYS A 62 11.37 -6.93 10.81
N MET A 63 10.62 -5.89 10.41
CA MET A 63 10.41 -5.54 9.02
C MET A 63 11.36 -4.44 8.60
N THR A 64 11.91 -4.56 7.38
CA THR A 64 12.83 -3.61 6.78
C THR A 64 12.35 -3.40 5.37
N TYR A 65 13.00 -2.48 4.61
CA TYR A 65 12.56 -2.01 3.30
C TYR A 65 12.41 -3.12 2.29
N GLN A 66 13.44 -4.00 2.16
CA GLN A 66 13.43 -5.08 1.20
C GLN A 66 12.31 -6.04 1.44
N LYS A 67 12.13 -6.38 2.73
CA LYS A 67 11.33 -7.50 3.13
C LYS A 67 9.87 -7.25 2.77
N MET A 68 9.39 -6.01 3.03
CA MET A 68 8.13 -5.48 2.54
C MET A 68 8.08 -5.29 1.03
N ALA A 69 9.15 -4.75 0.40
CA ALA A 69 9.18 -4.46 -1.02
C ALA A 69 9.05 -5.71 -1.90
N ARG A 70 9.72 -6.82 -1.52
CA ARG A 70 9.59 -8.12 -2.18
C ARG A 70 8.18 -8.68 -2.08
N ALA A 71 7.52 -8.54 -0.91
CA ALA A 71 6.11 -8.86 -0.75
C ALA A 71 5.19 -7.97 -1.59
N LEU A 72 5.47 -6.64 -1.64
CA LEU A 72 4.70 -5.68 -2.43
C LEU A 72 4.82 -5.95 -3.93
N ARG A 73 6.05 -6.23 -4.47
CA ARG A 73 6.24 -6.44 -5.91
C ARG A 73 5.53 -7.70 -6.40
N ASN A 74 5.33 -8.68 -5.49
CA ASN A 74 4.64 -9.93 -5.69
C ASN A 74 3.14 -9.73 -5.96
N TYR A 75 2.59 -8.50 -5.76
CA TYR A 75 1.26 -8.18 -6.25
C TYR A 75 1.11 -8.23 -7.75
N GLY A 76 2.21 -8.05 -8.52
CA GLY A 76 2.20 -7.95 -9.96
C GLY A 76 1.60 -9.11 -10.72
N LYS A 77 1.87 -10.37 -10.27
CA LYS A 77 1.28 -11.56 -10.84
C LYS A 77 -0.25 -11.64 -10.65
N THR A 78 -0.75 -11.16 -9.49
CA THR A 78 -2.17 -11.12 -9.16
C THR A 78 -2.84 -9.94 -9.82
N GLY A 79 -2.20 -8.75 -9.80
CA GLY A 79 -2.57 -7.61 -10.62
C GLY A 79 -2.78 -6.31 -9.90
N GLU A 80 -2.71 -6.24 -8.55
CA GLU A 80 -2.95 -5.00 -7.82
C GLU A 80 -1.97 -3.87 -8.04
N VAL A 81 -0.65 -4.15 -8.04
CA VAL A 81 0.33 -3.09 -8.03
C VAL A 81 1.57 -3.52 -8.79
N LYS A 82 2.11 -2.61 -9.64
CA LYS A 82 3.28 -2.86 -10.48
C LYS A 82 4.35 -1.82 -10.24
N LYS A 83 5.62 -2.28 -10.30
CA LYS A 83 6.82 -1.46 -10.22
C LYS A 83 6.99 -0.55 -11.43
N VAL A 84 7.80 0.50 -11.27
CA VAL A 84 8.27 1.36 -12.35
C VAL A 84 9.79 1.25 -12.33
N LYS A 85 10.51 2.03 -13.17
CA LYS A 85 11.97 2.08 -13.16
C LYS A 85 12.59 2.58 -11.85
N LYS A 86 11.85 3.38 -11.04
CA LYS A 86 12.34 3.84 -9.75
C LYS A 86 11.79 2.94 -8.63
N LYS A 87 12.67 2.46 -7.73
CA LYS A 87 12.38 1.45 -6.71
C LYS A 87 11.29 1.83 -5.71
N LEU A 88 11.29 3.11 -5.26
CA LEU A 88 10.35 3.66 -4.30
C LEU A 88 9.01 4.05 -4.93
N THR A 89 8.85 3.88 -6.27
CA THR A 89 7.63 4.25 -6.98
C THR A 89 6.92 3.00 -7.42
N TYR A 90 5.59 2.92 -7.18
CA TYR A 90 4.73 1.88 -7.74
C TYR A 90 3.54 2.50 -8.41
N GLN A 91 3.00 1.80 -9.42
CA GLN A 91 1.72 2.15 -9.99
C GLN A 91 0.74 1.09 -9.52
N PHE A 92 -0.38 1.52 -8.89
CA PHE A 92 -1.42 0.64 -8.39
C PHE A 92 -2.47 0.54 -9.51
N SER A 93 -3.19 -0.60 -9.57
CA SER A 93 -4.12 -0.93 -10.65
C SER A 93 -5.50 -0.29 -10.49
N GLY A 94 -6.33 -0.37 -11.55
CA GLY A 94 -7.70 0.11 -11.59
C GLY A 94 -8.60 -0.55 -10.59
N GLU A 95 -8.48 -1.88 -10.39
CA GLU A 95 -9.30 -2.66 -9.47
C GLU A 95 -9.16 -2.28 -8.00
N VAL A 96 -7.94 -1.98 -7.53
CA VAL A 96 -7.67 -1.40 -6.21
C VAL A 96 -8.12 0.03 -5.99
N LEU A 97 -7.87 0.92 -6.96
CA LEU A 97 -8.30 2.32 -6.90
C LEU A 97 -9.79 2.53 -7.10
N GLY A 98 -10.37 1.81 -8.08
CA GLY A 98 -11.75 1.98 -8.49
C GLY A 98 -12.58 0.79 -8.12
N ARG A 99 -13.89 0.84 -8.47
CA ARG A 99 -14.90 -0.21 -8.31
C ARG A 99 -15.26 -0.55 -6.87
N GLY A 100 -14.25 -0.77 -6.00
CA GLY A 100 -14.41 -1.12 -4.59
C GLY A 100 -14.44 0.10 -3.72
N GLY A 101 -15.33 1.06 -4.02
CA GLY A 101 -15.52 2.28 -3.25
C GLY A 101 -16.03 2.05 -1.85
N LEU A 102 -17.00 1.13 -1.73
CA LEU A 102 -17.57 0.68 -0.49
C LEU A 102 -17.88 -0.80 -0.65
N ALA A 103 -18.02 -1.55 0.48
CA ALA A 103 -18.17 -2.99 0.45
C ALA A 103 -19.60 -3.47 0.22
N GLU A 104 -20.55 -2.51 0.23
CA GLU A 104 -22.00 -2.65 0.10
C GLU A 104 -22.63 -3.72 0.96
N ARG A 105 -22.18 -3.80 2.23
CA ARG A 105 -22.55 -4.87 3.13
C ARG A 105 -23.01 -4.24 4.43
N ARG A 106 -24.12 -4.76 5.02
CA ARG A 106 -24.57 -4.34 6.33
C ARG A 106 -24.09 -5.36 7.34
N LEU A 107 -23.46 -4.89 8.44
CA LEU A 107 -22.84 -5.74 9.43
C LEU A 107 -22.78 -4.91 10.70
N PRO A 108 -22.60 -5.45 11.91
CA PRO A 108 -22.31 -4.65 13.10
C PRO A 108 -20.88 -4.11 13.03
N PRO A 109 -20.52 -3.01 13.69
CA PRO A 109 -19.23 -2.35 13.48
C PRO A 109 -18.06 -3.11 14.07
N HIS A 110 -18.28 -4.11 14.95
CA HIS A 110 -17.19 -4.88 15.54
C HIS A 110 -16.62 -5.99 14.60
N HIS A 1 -22.33 -15.73 15.48
CA HIS A 1 -22.40 -15.29 14.05
C HIS A 1 -23.04 -13.95 13.76
N ILE A 2 -22.87 -13.55 12.48
CA ILE A 2 -22.67 -12.18 12.10
C ILE A 2 -23.54 -11.77 10.95
N HIS A 3 -23.75 -10.45 10.75
CA HIS A 3 -24.41 -9.94 9.56
C HIS A 3 -23.35 -9.71 8.51
N MET A 4 -23.63 -10.06 7.23
CA MET A 4 -22.73 -9.80 6.13
C MET A 4 -22.60 -8.32 5.83
N GLY A 5 -21.41 -7.89 5.38
CA GLY A 5 -21.15 -6.50 5.04
C GLY A 5 -19.71 -6.44 4.66
N SER A 6 -19.23 -5.26 4.21
CA SER A 6 -17.84 -5.08 3.80
C SER A 6 -17.11 -4.27 4.84
N LYS A 7 -15.98 -4.80 5.35
CA LYS A 7 -15.04 -4.06 6.16
C LYS A 7 -13.68 -4.56 5.73
N LYS A 8 -12.68 -3.66 5.62
CA LYS A 8 -11.37 -3.97 5.10
C LYS A 8 -10.57 -4.92 5.98
N LYS A 9 -9.85 -5.88 5.35
CA LYS A 9 -8.95 -6.80 6.02
C LYS A 9 -7.57 -6.38 5.58
N ILE A 10 -6.61 -6.31 6.52
CA ILE A 10 -5.29 -5.79 6.25
C ILE A 10 -4.41 -6.67 5.36
N ARG A 11 -3.84 -6.05 4.31
CA ARG A 11 -2.91 -6.63 3.36
C ARG A 11 -1.94 -5.50 3.05
N LEU A 12 -0.75 -5.79 2.46
CA LEU A 12 0.26 -4.76 2.20
C LEU A 12 -0.25 -3.69 1.25
N TYR A 13 -0.90 -4.08 0.11
CA TYR A 13 -1.43 -3.12 -0.84
C TYR A 13 -2.58 -2.27 -0.33
N GLN A 14 -3.44 -2.85 0.57
CA GLN A 14 -4.48 -2.13 1.28
C GLN A 14 -3.90 -1.09 2.22
N PHE A 15 -2.82 -1.44 2.97
CA PHE A 15 -2.19 -0.56 3.94
C PHE A 15 -1.65 0.71 3.29
N LEU A 16 -0.86 0.58 2.20
CA LEU A 16 -0.32 1.73 1.48
C LEU A 16 -1.38 2.60 0.84
N LEU A 17 -2.42 2.03 0.19
CA LEU A 17 -3.53 2.81 -0.33
C LEU A 17 -4.31 3.52 0.78
N ASP A 18 -4.60 2.84 1.92
CA ASP A 18 -5.30 3.43 3.06
C ASP A 18 -4.57 4.61 3.71
N LEU A 19 -3.22 4.63 3.72
CA LEU A 19 -2.42 5.77 4.13
C LEU A 19 -2.68 7.02 3.31
N LEU A 20 -2.73 6.90 1.96
CA LEU A 20 -3.22 7.98 1.10
C LEU A 20 -4.70 8.35 1.32
N ARG A 21 -5.61 7.36 1.46
CA ARG A 21 -7.04 7.61 1.62
C ARG A 21 -7.37 8.34 2.91
N SER A 22 -6.76 7.91 4.04
CA SER A 22 -6.91 8.58 5.33
C SER A 22 -6.19 9.90 5.43
N GLY A 23 -4.97 10.01 4.86
CA GLY A 23 -4.15 11.22 4.94
C GLY A 23 -3.43 11.34 6.25
N ASP A 24 -3.37 10.24 7.04
CA ASP A 24 -2.86 10.22 8.40
C ASP A 24 -1.37 10.57 8.48
N MET A 25 -0.54 10.02 7.57
CA MET A 25 0.85 10.41 7.47
C MET A 25 1.13 10.86 6.06
N LYS A 26 1.24 12.20 5.85
CA LYS A 26 1.58 12.83 4.58
C LYS A 26 2.98 12.49 4.10
N ASP A 27 3.95 12.47 5.04
CA ASP A 27 5.36 12.34 4.78
C ASP A 27 5.78 11.02 4.11
N SER A 28 5.13 9.88 4.44
CA SER A 28 5.61 8.58 4.02
C SER A 28 5.32 8.20 2.57
N ILE A 29 4.07 8.41 2.10
CA ILE A 29 3.68 8.10 0.73
C ILE A 29 2.89 9.28 0.24
N TRP A 30 3.19 9.68 -1.00
CA TRP A 30 2.46 10.70 -1.71
C TRP A 30 2.10 10.29 -3.13
N TRP A 31 1.07 10.96 -3.71
CA TRP A 31 0.62 10.77 -5.07
C TRP A 31 1.58 11.54 -5.95
N VAL A 32 2.35 10.84 -6.80
CA VAL A 32 3.30 11.50 -7.68
C VAL A 32 2.58 12.06 -8.89
N ASP A 33 1.55 11.32 -9.40
CA ASP A 33 0.88 11.69 -10.62
C ASP A 33 -0.57 11.20 -10.50
N LYS A 34 -1.55 12.12 -10.37
CA LYS A 34 -2.92 11.80 -9.96
C LYS A 34 -3.69 10.88 -10.91
N ASP A 35 -3.62 11.11 -12.23
CA ASP A 35 -4.38 10.35 -13.21
C ASP A 35 -3.76 9.01 -13.57
N LYS A 36 -2.42 8.96 -13.52
CA LYS A 36 -1.59 7.81 -13.83
C LYS A 36 -1.78 6.72 -12.80
N GLY A 37 -1.85 7.14 -11.51
CA GLY A 37 -2.01 6.23 -10.40
C GLY A 37 -0.70 5.67 -9.93
N THR A 38 0.41 6.37 -10.26
CA THR A 38 1.70 6.30 -9.61
C THR A 38 1.70 6.92 -8.23
N PHE A 39 2.31 6.19 -7.28
CA PHE A 39 2.53 6.63 -5.91
C PHE A 39 4.00 6.54 -5.64
N GLN A 40 4.58 7.54 -4.97
CA GLN A 40 5.99 7.57 -4.65
C GLN A 40 6.19 7.38 -3.16
N PHE A 41 7.14 6.49 -2.78
CA PHE A 41 7.48 6.22 -1.40
C PHE A 41 8.63 7.13 -1.00
N SER A 42 8.56 7.76 0.19
CA SER A 42 9.60 8.68 0.63
C SER A 42 10.83 7.94 1.13
N SER A 43 12.04 8.30 0.62
CA SER A 43 13.28 7.60 0.87
C SER A 43 13.70 7.61 2.34
N LYS A 44 13.60 8.77 3.02
CA LYS A 44 13.88 8.88 4.44
C LYS A 44 12.89 8.14 5.34
N HIS A 45 11.59 8.08 4.97
CA HIS A 45 10.54 7.65 5.87
C HIS A 45 10.15 6.20 5.61
N LYS A 46 10.63 5.55 4.52
CA LYS A 46 10.23 4.19 4.18
C LYS A 46 10.59 3.13 5.21
N GLU A 47 11.76 3.24 5.89
CA GLU A 47 12.18 2.49 7.01
C GLU A 47 11.28 2.70 8.23
N ALA A 48 10.91 3.96 8.52
CA ALA A 48 9.98 4.35 9.57
C ALA A 48 8.58 3.81 9.36
N LEU A 49 8.08 3.86 8.09
CA LEU A 49 6.80 3.32 7.66
C LEU A 49 6.74 1.83 7.84
N ALA A 50 7.81 1.13 7.39
CA ALA A 50 7.94 -0.31 7.56
C ALA A 50 8.00 -0.72 9.03
N HIS A 51 8.77 0.03 9.87
CA HIS A 51 8.87 -0.17 11.30
C HIS A 51 7.53 0.01 12.00
N ARG A 52 6.74 1.05 11.63
CA ARG A 52 5.40 1.32 12.15
C ARG A 52 4.43 0.18 11.85
N TRP A 53 4.49 -0.38 10.64
CA TRP A 53 3.77 -1.54 10.17
C TRP A 53 4.12 -2.80 10.94
N GLY A 54 5.44 -3.04 11.17
CA GLY A 54 5.92 -4.16 11.97
C GLY A 54 5.44 -4.11 13.41
N ILE A 55 5.50 -2.93 14.05
CA ILE A 55 4.95 -2.78 15.39
C ILE A 55 3.43 -2.69 15.42
N GLN A 56 2.71 -2.18 14.37
CA GLN A 56 1.24 -2.19 14.49
C GLN A 56 0.65 -3.59 14.33
N LYS A 57 1.31 -4.48 13.54
CA LYS A 57 1.05 -5.91 13.52
C LYS A 57 1.40 -6.58 14.84
N GLY A 58 2.55 -6.19 15.44
CA GLY A 58 3.09 -6.81 16.63
C GLY A 58 4.00 -7.96 16.30
N ASN A 59 4.75 -7.85 15.18
CA ASN A 59 5.70 -8.87 14.73
C ASN A 59 6.88 -8.99 15.68
N ARG A 60 7.41 -10.22 15.88
CA ARG A 60 8.58 -10.51 16.69
C ARG A 60 9.84 -9.83 16.16
N LYS A 61 10.05 -9.86 14.83
CA LYS A 61 11.19 -9.26 14.18
C LYS A 61 10.85 -7.91 13.60
N LYS A 62 11.85 -6.99 13.56
CA LYS A 62 11.73 -5.67 12.97
C LYS A 62 11.57 -5.76 11.46
N MET A 63 10.58 -5.03 10.90
CA MET A 63 10.24 -5.10 9.50
C MET A 63 10.78 -3.85 8.85
N THR A 64 11.43 -4.00 7.68
CA THR A 64 12.19 -2.95 7.04
C THR A 64 11.82 -2.92 5.57
N TYR A 65 12.29 -1.91 4.81
CA TYR A 65 11.85 -1.65 3.46
C TYR A 65 12.13 -2.81 2.51
N GLN A 66 13.30 -3.46 2.57
CA GLN A 66 13.56 -4.58 1.67
C GLN A 66 12.63 -5.78 1.88
N LYS A 67 12.18 -6.02 3.14
CA LYS A 67 11.16 -7.00 3.46
C LYS A 67 9.81 -6.63 2.85
N MET A 68 9.43 -5.33 2.92
CA MET A 68 8.28 -4.79 2.21
C MET A 68 8.40 -4.87 0.71
N ALA A 69 9.56 -4.50 0.13
CA ALA A 69 9.79 -4.49 -1.30
C ALA A 69 9.67 -5.86 -1.95
N ARG A 70 10.25 -6.92 -1.32
CA ARG A 70 10.08 -8.29 -1.77
C ARG A 70 8.64 -8.78 -1.70
N ALA A 71 7.90 -8.44 -0.60
CA ALA A 71 6.49 -8.70 -0.51
C ALA A 71 5.65 -7.92 -1.51
N LEU A 72 5.93 -6.61 -1.68
CA LEU A 72 5.30 -5.71 -2.63
C LEU A 72 5.53 -6.10 -4.09
N ARG A 73 6.77 -6.49 -4.50
CA ARG A 73 7.06 -6.83 -5.89
C ARG A 73 6.31 -8.06 -6.37
N ASN A 74 5.93 -8.96 -5.42
CA ASN A 74 5.24 -10.22 -5.61
C ASN A 74 3.88 -9.99 -6.24
N TYR A 75 3.17 -8.88 -5.90
CA TYR A 75 1.87 -8.52 -6.44
C TYR A 75 1.89 -8.27 -7.94
N GLY A 76 3.08 -7.95 -8.49
CA GLY A 76 3.30 -7.63 -9.89
C GLY A 76 3.04 -8.75 -10.87
N LYS A 77 3.02 -10.03 -10.40
CA LYS A 77 2.61 -11.18 -11.18
C LYS A 77 1.11 -11.15 -11.51
N THR A 78 0.30 -10.53 -10.63
CA THR A 78 -1.15 -10.40 -10.76
C THR A 78 -1.47 -9.05 -11.36
N GLY A 79 -0.77 -7.98 -10.90
CA GLY A 79 -0.90 -6.65 -11.45
C GLY A 79 -1.77 -5.73 -10.64
N GLU A 80 -2.08 -6.09 -9.37
CA GLU A 80 -2.80 -5.25 -8.44
C GLU A 80 -2.01 -3.99 -8.11
N VAL A 81 -0.70 -4.19 -7.87
CA VAL A 81 0.32 -3.16 -7.74
C VAL A 81 1.36 -3.52 -8.78
N LYS A 82 1.77 -2.55 -9.62
CA LYS A 82 2.89 -2.72 -10.54
C LYS A 82 4.08 -1.88 -10.19
N LYS A 83 5.23 -2.57 -10.21
CA LYS A 83 6.59 -2.12 -10.21
C LYS A 83 6.85 -1.33 -11.52
N VAL A 84 7.59 -0.20 -11.45
CA VAL A 84 7.80 0.79 -12.50
C VAL A 84 9.30 0.84 -12.70
N LYS A 85 9.72 1.49 -13.79
CA LYS A 85 11.03 1.96 -14.09
C LYS A 85 11.72 2.80 -13.00
N LYS A 86 11.00 3.74 -12.34
CA LYS A 86 11.54 4.50 -11.22
C LYS A 86 11.46 3.69 -9.93
N LYS A 87 12.58 3.64 -9.16
CA LYS A 87 12.83 2.64 -8.13
C LYS A 87 11.85 2.60 -6.97
N LEU A 88 11.42 3.77 -6.44
CA LEU A 88 10.55 3.87 -5.28
C LEU A 88 9.14 4.32 -5.66
N THR A 89 8.79 4.31 -6.96
CA THR A 89 7.51 4.81 -7.45
C THR A 89 6.76 3.76 -8.17
N TYR A 90 5.54 3.42 -7.73
CA TYR A 90 4.80 2.28 -8.27
C TYR A 90 3.36 2.60 -8.59
N GLN A 91 2.75 1.82 -9.51
CA GLN A 91 1.39 2.01 -9.98
C GLN A 91 0.42 1.07 -9.28
N PHE A 92 -0.77 1.59 -8.90
CA PHE A 92 -1.83 0.80 -8.32
C PHE A 92 -2.95 0.63 -9.35
N SER A 93 -3.59 -0.55 -9.38
CA SER A 93 -4.65 -0.91 -10.31
C SER A 93 -6.00 -0.31 -9.90
N GLY A 94 -7.01 -0.33 -10.80
CA GLY A 94 -8.34 0.21 -10.56
C GLY A 94 -9.07 -0.43 -9.40
N GLU A 95 -8.98 -1.77 -9.27
CA GLU A 95 -9.66 -2.59 -8.27
C GLU A 95 -9.24 -2.24 -6.83
N VAL A 96 -7.92 -2.05 -6.58
CA VAL A 96 -7.40 -1.47 -5.35
C VAL A 96 -7.74 0.00 -5.15
N LEU A 97 -7.59 0.81 -6.21
CA LEU A 97 -7.50 2.25 -6.09
C LEU A 97 -8.85 2.89 -5.90
N GLY A 98 -9.86 2.40 -6.64
CA GLY A 98 -11.17 3.03 -6.68
C GLY A 98 -12.13 2.45 -5.67
N ARG A 99 -13.03 1.56 -6.13
CA ARG A 99 -13.99 0.86 -5.31
C ARG A 99 -13.92 -0.60 -5.71
N GLY A 100 -14.10 -1.53 -4.75
CA GLY A 100 -14.02 -2.94 -5.06
C GLY A 100 -14.23 -3.74 -3.82
N GLY A 101 -14.23 -5.08 -3.94
CA GLY A 101 -14.36 -5.96 -2.80
C GLY A 101 -14.63 -7.36 -3.27
N LEU A 102 -14.66 -8.33 -2.34
CA LEU A 102 -15.06 -9.69 -2.62
C LEU A 102 -16.16 -10.05 -1.65
N ALA A 103 -17.29 -10.60 -2.13
CA ALA A 103 -18.41 -10.93 -1.27
C ALA A 103 -18.31 -12.36 -0.75
N GLU A 104 -18.00 -12.49 0.56
CA GLU A 104 -18.01 -13.75 1.27
C GLU A 104 -18.32 -13.39 2.70
N ARG A 105 -18.79 -14.36 3.52
CA ARG A 105 -19.02 -14.11 4.94
C ARG A 105 -17.72 -14.39 5.68
N ARG A 106 -17.16 -13.34 6.34
CA ARG A 106 -15.89 -13.44 7.02
C ARG A 106 -15.98 -12.50 8.19
N LEU A 107 -15.40 -12.84 9.36
CA LEU A 107 -15.33 -11.92 10.48
C LEU A 107 -14.25 -10.86 10.23
N PRO A 108 -14.38 -9.60 10.69
CA PRO A 108 -13.35 -8.59 10.48
C PRO A 108 -12.18 -8.81 11.44
N PRO A 109 -10.95 -8.35 11.16
CA PRO A 109 -9.85 -8.38 12.13
C PRO A 109 -10.01 -7.31 13.20
N HIS A 110 -10.92 -6.35 13.01
CA HIS A 110 -11.17 -5.25 13.93
C HIS A 110 -11.70 -5.67 15.33
N HIS A 1 -30.20 -14.86 12.43
CA HIS A 1 -30.54 -13.63 11.63
C HIS A 1 -29.70 -13.39 10.37
N ILE A 2 -30.25 -12.57 9.44
CA ILE A 2 -29.57 -12.14 8.24
C ILE A 2 -29.14 -10.71 8.49
N HIS A 3 -27.85 -10.39 8.29
CA HIS A 3 -27.33 -9.04 8.42
C HIS A 3 -26.50 -8.79 7.19
N MET A 4 -26.43 -7.54 6.70
CA MET A 4 -25.75 -7.19 5.47
C MET A 4 -24.46 -6.46 5.77
N GLY A 5 -23.37 -6.83 5.09
CA GLY A 5 -22.09 -6.17 5.24
C GLY A 5 -21.06 -7.04 4.59
N SER A 6 -19.78 -6.69 4.74
CA SER A 6 -18.68 -7.54 4.33
C SER A 6 -17.59 -7.30 5.34
N LYS A 7 -16.76 -8.32 5.64
CA LYS A 7 -15.55 -8.15 6.40
C LYS A 7 -14.43 -7.59 5.52
N LYS A 8 -13.42 -6.96 6.15
CA LYS A 8 -12.26 -6.44 5.45
C LYS A 8 -11.03 -7.08 6.07
N LYS A 9 -10.05 -7.43 5.21
CA LYS A 9 -8.77 -7.97 5.64
C LYS A 9 -7.66 -7.01 5.31
N ILE A 10 -6.77 -6.78 6.29
CA ILE A 10 -5.52 -6.10 6.12
C ILE A 10 -4.48 -6.95 5.38
N ARG A 11 -3.81 -6.35 4.39
CA ARG A 11 -2.78 -6.98 3.60
C ARG A 11 -1.98 -5.79 3.10
N LEU A 12 -0.73 -5.98 2.63
CA LEU A 12 0.23 -4.91 2.38
C LEU A 12 -0.25 -3.91 1.34
N TYR A 13 -0.84 -4.34 0.19
CA TYR A 13 -1.28 -3.43 -0.86
C TYR A 13 -2.35 -2.45 -0.37
N GLN A 14 -3.27 -2.97 0.48
CA GLN A 14 -4.36 -2.26 1.12
C GLN A 14 -3.85 -1.23 2.09
N PHE A 15 -2.78 -1.56 2.87
CA PHE A 15 -2.18 -0.69 3.88
C PHE A 15 -1.64 0.60 3.28
N LEU A 16 -0.91 0.53 2.14
CA LEU A 16 -0.42 1.70 1.44
C LEU A 16 -1.51 2.60 0.88
N LEU A 17 -2.58 2.03 0.29
CA LEU A 17 -3.75 2.80 -0.12
C LEU A 17 -4.49 3.40 1.08
N ASP A 18 -4.62 2.65 2.20
CA ASP A 18 -5.22 3.07 3.46
C ASP A 18 -4.48 4.26 4.10
N LEU A 19 -3.11 4.30 4.06
CA LEU A 19 -2.30 5.44 4.46
C LEU A 19 -2.62 6.71 3.68
N LEU A 20 -2.76 6.59 2.34
CA LEU A 20 -3.19 7.65 1.46
C LEU A 20 -4.60 8.15 1.72
N ARG A 21 -5.59 7.26 1.97
CA ARG A 21 -6.93 7.65 2.40
C ARG A 21 -6.95 8.33 3.76
N SER A 22 -6.19 7.80 4.75
CA SER A 22 -6.10 8.33 6.10
C SER A 22 -5.50 9.72 6.14
N GLY A 23 -4.41 9.96 5.37
CA GLY A 23 -3.99 11.30 5.00
C GLY A 23 -3.11 12.00 6.00
N ASP A 24 -3.17 11.61 7.29
CA ASP A 24 -2.37 12.19 8.36
C ASP A 24 -0.87 11.91 8.17
N MET A 25 -0.49 10.67 7.79
CA MET A 25 0.90 10.29 7.60
C MET A 25 1.31 10.54 6.15
N LYS A 26 1.12 11.81 5.70
CA LYS A 26 1.29 12.27 4.33
C LYS A 26 2.71 12.21 3.81
N ASP A 27 3.71 12.25 4.72
CA ASP A 27 5.12 12.21 4.39
C ASP A 27 5.54 10.91 3.73
N SER A 28 5.01 9.75 4.19
CA SER A 28 5.49 8.44 3.77
C SER A 28 5.21 8.09 2.32
N ILE A 29 3.96 8.32 1.85
CA ILE A 29 3.53 7.99 0.49
C ILE A 29 2.77 9.20 0.02
N TRP A 30 3.04 9.58 -1.22
CA TRP A 30 2.31 10.64 -1.90
C TRP A 30 1.91 10.27 -3.32
N TRP A 31 0.88 10.99 -3.84
CA TRP A 31 0.37 10.87 -5.19
C TRP A 31 1.28 11.71 -6.07
N VAL A 32 2.03 11.06 -6.98
CA VAL A 32 2.87 11.79 -7.92
C VAL A 32 2.02 12.30 -9.07
N ASP A 33 1.01 11.48 -9.50
CA ASP A 33 0.21 11.77 -10.66
C ASP A 33 -1.21 11.28 -10.37
N LYS A 34 -2.22 12.18 -10.34
CA LYS A 34 -3.61 11.81 -10.13
C LYS A 34 -4.20 10.90 -11.20
N ASP A 35 -3.94 11.19 -12.49
CA ASP A 35 -4.53 10.50 -13.62
C ASP A 35 -3.92 9.12 -13.87
N LYS A 36 -2.57 9.00 -13.78
CA LYS A 36 -1.81 7.78 -14.00
C LYS A 36 -2.05 6.79 -12.90
N GLY A 37 -2.08 7.28 -11.65
CA GLY A 37 -2.17 6.42 -10.48
C GLY A 37 -0.83 5.84 -10.07
N THR A 38 0.25 6.57 -10.44
CA THR A 38 1.58 6.45 -9.87
C THR A 38 1.62 7.01 -8.47
N PHE A 39 2.31 6.29 -7.57
CA PHE A 39 2.59 6.74 -6.23
C PHE A 39 4.06 6.63 -5.99
N GLN A 40 4.65 7.63 -5.32
CA GLN A 40 6.02 7.55 -4.84
C GLN A 40 6.04 7.28 -3.35
N PHE A 41 6.98 6.40 -2.94
CA PHE A 41 7.32 6.16 -1.56
C PHE A 41 8.47 7.10 -1.24
N SER A 42 8.47 7.77 -0.06
CA SER A 42 9.59 8.66 0.24
C SER A 42 10.83 7.94 0.71
N SER A 43 12.03 8.50 0.37
CA SER A 43 13.33 7.92 0.69
C SER A 43 13.60 7.86 2.18
N LYS A 44 13.22 8.93 2.91
CA LYS A 44 13.39 9.09 4.34
C LYS A 44 12.62 8.07 5.17
N HIS A 45 11.34 7.79 4.82
CA HIS A 45 10.43 7.12 5.74
C HIS A 45 10.23 5.66 5.39
N LYS A 46 11.01 5.10 4.43
CA LYS A 46 10.76 3.78 3.85
C LYS A 46 10.83 2.62 4.82
N GLU A 47 11.78 2.60 5.79
CA GLU A 47 11.77 1.62 6.85
C GLU A 47 10.70 1.88 7.90
N ALA A 48 10.36 3.16 8.21
CA ALA A 48 9.29 3.51 9.15
C ALA A 48 7.93 3.05 8.65
N LEU A 49 7.68 3.22 7.33
CA LEU A 49 6.49 2.80 6.60
C LEU A 49 6.29 1.29 6.74
N ALA A 50 7.38 0.54 6.52
CA ALA A 50 7.49 -0.89 6.78
C ALA A 50 7.32 -1.29 8.24
N HIS A 51 7.96 -0.56 9.19
CA HIS A 51 7.89 -0.83 10.63
C HIS A 51 6.48 -0.68 11.18
N ARG A 52 5.71 0.36 10.78
CA ARG A 52 4.29 0.52 11.13
C ARG A 52 3.39 -0.62 10.66
N TRP A 53 3.62 -1.17 9.45
CA TRP A 53 3.00 -2.38 8.93
C TRP A 53 3.37 -3.60 9.77
N GLY A 54 4.67 -3.75 10.12
CA GLY A 54 5.13 -4.83 10.97
C GLY A 54 4.51 -4.84 12.34
N ILE A 55 4.42 -3.67 13.01
CA ILE A 55 3.72 -3.57 14.28
C ILE A 55 2.21 -3.56 14.14
N GLN A 56 1.59 -3.09 13.01
CA GLN A 56 0.12 -3.04 13.01
C GLN A 56 -0.55 -4.41 12.94
N LYS A 57 0.20 -5.45 12.48
CA LYS A 57 -0.25 -6.82 12.42
C LYS A 57 -0.56 -7.44 13.78
N GLY A 58 0.28 -7.18 14.80
CA GLY A 58 0.14 -7.81 16.11
C GLY A 58 1.51 -7.94 16.72
N ASN A 59 1.70 -8.94 17.60
CA ASN A 59 2.97 -9.21 18.26
C ASN A 59 3.94 -9.99 17.39
N ARG A 60 4.28 -9.40 16.22
CA ARG A 60 5.15 -9.94 15.20
C ARG A 60 6.59 -9.52 15.41
N LYS A 61 7.54 -10.28 14.80
CA LYS A 61 8.91 -9.85 14.62
C LYS A 61 8.99 -8.74 13.59
N LYS A 62 10.01 -7.85 13.69
CA LYS A 62 10.03 -6.59 12.96
C LYS A 62 10.16 -6.74 11.45
N MET A 63 9.62 -5.74 10.73
CA MET A 63 9.59 -5.71 9.28
C MET A 63 10.48 -4.58 8.85
N THR A 64 11.44 -4.87 7.95
CA THR A 64 12.33 -3.88 7.34
C THR A 64 11.78 -3.50 5.99
N TYR A 65 12.40 -2.47 5.35
CA TYR A 65 12.15 -2.11 3.98
C TYR A 65 12.42 -3.27 3.03
N GLN A 66 13.55 -3.99 3.21
CA GLN A 66 13.91 -5.11 2.37
C GLN A 66 12.92 -6.28 2.48
N LYS A 67 12.45 -6.61 3.71
CA LYS A 67 11.44 -7.65 3.92
C LYS A 67 10.11 -7.30 3.25
N MET A 68 9.66 -6.02 3.38
CA MET A 68 8.48 -5.50 2.73
C MET A 68 8.59 -5.48 1.21
N ALA A 69 9.76 -5.06 0.67
CA ALA A 69 10.00 -4.86 -0.75
C ALA A 69 9.80 -6.11 -1.58
N ARG A 70 10.25 -7.28 -1.08
CA ARG A 70 10.00 -8.56 -1.73
C ARG A 70 8.54 -8.94 -1.87
N ALA A 71 7.76 -8.73 -0.79
CA ALA A 71 6.33 -8.90 -0.80
C ALA A 71 5.60 -7.90 -1.68
N LEU A 72 5.99 -6.60 -1.62
CA LEU A 72 5.42 -5.52 -2.42
C LEU A 72 5.67 -5.73 -3.91
N ARG A 73 6.90 -6.15 -4.30
CA ARG A 73 7.22 -6.46 -5.69
C ARG A 73 6.38 -7.61 -6.25
N ASN A 74 6.11 -8.64 -5.41
CA ASN A 74 5.39 -9.86 -5.76
C ASN A 74 3.94 -9.61 -6.22
N TYR A 75 3.32 -8.44 -5.92
CA TYR A 75 2.04 -8.08 -6.51
C TYR A 75 2.08 -7.90 -8.02
N GLY A 76 3.27 -7.61 -8.61
CA GLY A 76 3.44 -7.29 -10.02
C GLY A 76 2.98 -8.34 -10.99
N LYS A 77 3.21 -9.64 -10.68
CA LYS A 77 2.64 -10.75 -11.44
C LYS A 77 1.13 -10.87 -11.41
N THR A 78 0.46 -10.44 -10.32
CA THR A 78 -1.00 -10.31 -10.26
C THR A 78 -1.45 -9.05 -10.99
N GLY A 79 -0.73 -7.93 -10.79
CA GLY A 79 -0.93 -6.67 -11.50
C GLY A 79 -1.73 -5.66 -10.72
N GLU A 80 -2.11 -5.96 -9.46
CA GLU A 80 -2.85 -5.06 -8.59
C GLU A 80 -2.07 -3.80 -8.26
N VAL A 81 -0.77 -3.99 -7.91
CA VAL A 81 0.23 -2.96 -7.73
C VAL A 81 1.37 -3.38 -8.63
N LYS A 82 1.83 -2.49 -9.52
CA LYS A 82 2.82 -2.77 -10.54
C LYS A 82 4.02 -1.86 -10.39
N LYS A 83 5.24 -2.44 -10.44
CA LYS A 83 6.51 -1.74 -10.32
C LYS A 83 6.79 -0.85 -11.53
N VAL A 84 7.60 0.20 -11.29
CA VAL A 84 8.06 1.16 -12.28
C VAL A 84 9.57 1.00 -12.31
N LYS A 85 10.17 1.62 -13.33
CA LYS A 85 11.56 1.92 -13.51
C LYS A 85 12.24 2.57 -12.32
N LYS A 86 11.59 3.54 -11.65
CA LYS A 86 12.08 4.07 -10.39
C LYS A 86 11.61 3.16 -9.26
N LYS A 87 12.54 2.69 -8.39
CA LYS A 87 12.31 1.62 -7.43
C LYS A 87 11.23 1.93 -6.40
N LEU A 88 11.20 3.18 -5.90
CA LEU A 88 10.24 3.68 -4.93
C LEU A 88 8.95 4.15 -5.57
N THR A 89 8.76 3.98 -6.89
CA THR A 89 7.55 4.41 -7.58
C THR A 89 6.77 3.17 -8.00
N TYR A 90 5.48 3.09 -7.63
CA TYR A 90 4.57 2.04 -8.08
C TYR A 90 3.33 2.61 -8.74
N GLN A 91 2.81 1.85 -9.71
CA GLN A 91 1.53 2.02 -10.38
C GLN A 91 0.49 1.17 -9.66
N PHE A 92 -0.67 1.75 -9.26
CA PHE A 92 -1.76 0.99 -8.68
C PHE A 92 -2.84 0.79 -9.74
N SER A 93 -3.53 -0.37 -9.71
CA SER A 93 -4.56 -0.71 -10.68
C SER A 93 -5.90 -0.07 -10.32
N GLY A 94 -6.89 -0.16 -11.24
CA GLY A 94 -8.23 0.42 -11.07
C GLY A 94 -8.99 -0.12 -9.89
N GLU A 95 -8.94 -1.46 -9.68
CA GLU A 95 -9.69 -2.16 -8.63
C GLU A 95 -9.30 -1.74 -7.21
N VAL A 96 -7.99 -1.62 -6.93
CA VAL A 96 -7.45 -1.11 -5.68
C VAL A 96 -7.76 0.35 -5.40
N LEU A 97 -7.68 1.22 -6.42
CA LEU A 97 -7.98 2.64 -6.29
C LEU A 97 -9.47 2.92 -6.20
N GLY A 98 -10.28 2.17 -6.98
CA GLY A 98 -11.72 2.37 -7.06
C GLY A 98 -12.12 3.26 -8.21
N ARG A 99 -11.19 3.49 -9.16
CA ARG A 99 -11.42 4.30 -10.34
C ARG A 99 -12.38 3.62 -11.31
N GLY A 100 -13.32 4.40 -11.88
CA GLY A 100 -14.37 3.88 -12.75
C GLY A 100 -15.57 3.44 -11.95
N GLY A 101 -15.39 2.42 -11.08
CA GLY A 101 -16.43 1.97 -10.19
C GLY A 101 -15.94 0.80 -9.39
N LEU A 102 -16.81 0.26 -8.51
CA LEU A 102 -16.49 -0.90 -7.70
C LEU A 102 -17.17 -2.10 -8.32
N ALA A 103 -16.41 -3.18 -8.60
CA ALA A 103 -16.93 -4.37 -9.22
C ALA A 103 -16.07 -5.52 -8.77
N GLU A 104 -16.56 -6.77 -8.93
CA GLU A 104 -15.83 -7.97 -8.61
C GLU A 104 -16.23 -9.01 -9.63
N ARG A 105 -15.35 -10.02 -9.87
CA ARG A 105 -15.62 -11.06 -10.83
C ARG A 105 -14.89 -12.30 -10.37
N ARG A 106 -15.25 -13.48 -10.93
CA ARG A 106 -14.58 -14.75 -10.70
C ARG A 106 -13.16 -14.81 -11.25
N LEU A 107 -12.90 -14.03 -12.33
CA LEU A 107 -11.67 -13.89 -13.09
C LEU A 107 -11.37 -15.12 -13.95
N PRO A 108 -11.35 -15.05 -15.29
CA PRO A 108 -11.18 -16.24 -16.12
C PRO A 108 -9.73 -16.72 -16.13
N PRO A 109 -9.41 -18.01 -16.33
CA PRO A 109 -8.05 -18.51 -16.23
C PRO A 109 -7.17 -18.12 -17.40
N HIS A 110 -7.74 -17.62 -18.53
CA HIS A 110 -6.96 -17.23 -19.70
C HIS A 110 -6.29 -15.84 -19.60
N HIS A 1 -29.18 -11.96 19.59
CA HIS A 1 -28.74 -13.39 19.37
C HIS A 1 -27.28 -13.63 19.02
N ILE A 2 -26.88 -14.92 18.89
CA ILE A 2 -25.55 -15.29 18.43
C ILE A 2 -25.42 -14.89 16.97
N HIS A 3 -24.34 -14.17 16.64
CA HIS A 3 -24.05 -13.66 15.31
C HIS A 3 -22.75 -14.27 14.83
N MET A 4 -22.66 -14.55 13.51
CA MET A 4 -21.50 -15.17 12.90
C MET A 4 -20.49 -14.13 12.45
N GLY A 5 -19.19 -14.52 12.40
CA GLY A 5 -18.13 -13.64 11.99
C GLY A 5 -16.94 -14.50 11.70
N SER A 6 -15.84 -13.91 11.19
CA SER A 6 -14.64 -14.65 10.86
C SER A 6 -13.49 -13.67 10.98
N LYS A 7 -12.23 -14.16 10.80
CA LYS A 7 -11.01 -13.40 10.94
C LYS A 7 -10.80 -12.40 9.81
N LYS A 8 -10.25 -11.21 10.15
CA LYS A 8 -9.91 -10.17 9.20
C LYS A 8 -8.50 -10.37 8.66
N LYS A 9 -8.30 -10.11 7.35
CA LYS A 9 -7.00 -10.18 6.71
C LYS A 9 -6.57 -8.81 6.25
N ILE A 10 -5.32 -8.41 6.60
CA ILE A 10 -4.70 -7.19 6.12
C ILE A 10 -3.47 -7.62 5.33
N ARG A 11 -3.35 -7.11 4.09
CA ARG A 11 -2.25 -7.40 3.18
C ARG A 11 -1.55 -6.11 2.83
N LEU A 12 -0.33 -6.21 2.20
CA LEU A 12 0.55 -5.07 1.99
C LEU A 12 -0.07 -3.98 1.14
N TYR A 13 -0.76 -4.31 0.02
CA TYR A 13 -1.27 -3.32 -0.91
C TYR A 13 -2.30 -2.38 -0.27
N GLN A 14 -3.12 -2.97 0.64
CA GLN A 14 -4.18 -2.32 1.39
C GLN A 14 -3.59 -1.28 2.33
N PHE A 15 -2.47 -1.60 3.01
CA PHE A 15 -1.80 -0.72 3.97
C PHE A 15 -1.34 0.60 3.36
N LEU A 16 -0.65 0.57 2.19
CA LEU A 16 -0.20 1.77 1.51
C LEU A 16 -1.34 2.63 1.00
N LEU A 17 -2.39 2.01 0.40
CA LEU A 17 -3.58 2.71 -0.01
C LEU A 17 -4.34 3.31 1.19
N ASP A 18 -4.43 2.57 2.32
CA ASP A 18 -5.02 3.03 3.58
C ASP A 18 -4.31 4.24 4.18
N LEU A 19 -2.94 4.30 4.14
CA LEU A 19 -2.15 5.46 4.54
C LEU A 19 -2.49 6.71 3.75
N LEU A 20 -2.64 6.56 2.42
CA LEU A 20 -3.12 7.61 1.54
C LEU A 20 -4.54 8.07 1.82
N ARG A 21 -5.50 7.13 2.08
CA ARG A 21 -6.85 7.49 2.48
C ARG A 21 -6.96 8.17 3.83
N SER A 22 -6.26 7.65 4.88
CA SER A 22 -6.38 8.17 6.23
C SER A 22 -5.75 9.54 6.42
N GLY A 23 -4.58 9.78 5.81
CA GLY A 23 -3.87 11.06 5.96
C GLY A 23 -3.18 11.23 7.28
N ASP A 24 -2.79 10.11 7.95
CA ASP A 24 -2.10 10.14 9.23
C ASP A 24 -0.75 10.85 9.16
N MET A 25 0.01 10.63 8.06
CA MET A 25 1.11 11.50 7.73
C MET A 25 1.17 11.62 6.23
N LYS A 26 1.53 12.82 5.72
CA LYS A 26 1.77 13.11 4.31
C LYS A 26 3.13 12.61 3.87
N ASP A 27 4.06 12.52 4.84
CA ASP A 27 5.48 12.30 4.66
C ASP A 27 5.86 11.01 3.97
N SER A 28 5.18 9.88 4.27
CA SER A 28 5.63 8.57 3.82
C SER A 28 5.31 8.19 2.40
N ILE A 29 4.06 8.37 1.93
CA ILE A 29 3.65 8.05 0.57
C ILE A 29 2.86 9.23 0.08
N TRP A 30 3.15 9.64 -1.15
CA TRP A 30 2.42 10.67 -1.85
C TRP A 30 1.97 10.27 -3.25
N TRP A 31 0.93 11.00 -3.74
CA TRP A 31 0.33 10.85 -5.05
C TRP A 31 1.19 11.63 -6.00
N VAL A 32 2.04 10.94 -6.81
CA VAL A 32 2.92 11.62 -7.75
C VAL A 32 2.12 12.06 -8.97
N ASP A 33 1.17 11.22 -9.44
CA ASP A 33 0.45 11.50 -10.66
C ASP A 33 -0.97 10.92 -10.54
N LYS A 34 -2.00 11.77 -10.34
CA LYS A 34 -3.37 11.31 -10.19
C LYS A 34 -3.98 10.61 -11.42
N ASP A 35 -3.64 11.05 -12.65
CA ASP A 35 -4.08 10.45 -13.89
C ASP A 35 -3.50 9.05 -14.13
N LYS A 36 -2.19 8.86 -13.87
CA LYS A 36 -1.48 7.63 -14.14
C LYS A 36 -1.75 6.60 -13.07
N GLY A 37 -1.82 7.04 -11.80
CA GLY A 37 -2.03 6.15 -10.68
C GLY A 37 -0.72 5.63 -10.14
N THR A 38 0.39 6.37 -10.42
CA THR A 38 1.67 6.26 -9.76
C THR A 38 1.63 6.81 -8.35
N PHE A 39 2.26 6.06 -7.41
CA PHE A 39 2.46 6.48 -6.05
C PHE A 39 3.92 6.34 -5.75
N GLN A 40 4.48 7.34 -5.05
CA GLN A 40 5.90 7.38 -4.75
C GLN A 40 6.10 7.35 -3.26
N PHE A 41 7.04 6.49 -2.78
CA PHE A 41 7.40 6.39 -1.38
C PHE A 41 8.55 7.35 -1.14
N SER A 42 8.57 8.06 0.00
CA SER A 42 9.67 8.98 0.26
C SER A 42 10.95 8.28 0.72
N SER A 43 12.12 8.91 0.46
CA SER A 43 13.43 8.38 0.84
C SER A 43 13.72 8.39 2.34
N LYS A 44 13.35 9.47 3.04
CA LYS A 44 13.58 9.66 4.47
C LYS A 44 12.84 8.69 5.36
N HIS A 45 11.57 8.39 5.04
CA HIS A 45 10.64 7.78 5.97
C HIS A 45 10.47 6.29 5.75
N LYS A 46 11.40 5.64 5.01
CA LYS A 46 11.34 4.23 4.62
C LYS A 46 11.30 3.29 5.82
N GLU A 47 12.15 3.55 6.86
CA GLU A 47 12.15 2.79 8.09
C GLU A 47 10.87 2.95 8.89
N ALA A 48 10.34 4.18 9.00
CA ALA A 48 9.09 4.49 9.68
C ALA A 48 7.87 3.84 9.01
N LEU A 49 7.83 3.88 7.67
CA LEU A 49 6.78 3.31 6.82
C LEU A 49 6.70 1.80 7.01
N ALA A 50 7.87 1.12 6.97
CA ALA A 50 8.05 -0.28 7.26
C ALA A 50 7.76 -0.66 8.71
N HIS A 51 8.24 0.13 9.70
CA HIS A 51 8.03 -0.10 11.13
C HIS A 51 6.57 -0.09 11.52
N ARG A 52 5.79 0.89 10.99
CA ARG A 52 4.36 1.02 11.23
C ARG A 52 3.56 -0.20 10.80
N TRP A 53 3.90 -0.78 9.63
CA TRP A 53 3.41 -2.05 9.11
C TRP A 53 3.78 -3.23 10.00
N GLY A 54 5.06 -3.28 10.44
CA GLY A 54 5.56 -4.32 11.34
C GLY A 54 4.87 -4.35 12.68
N ILE A 55 4.64 -3.16 13.31
CA ILE A 55 3.85 -3.08 14.52
C ILE A 55 2.36 -3.22 14.26
N GLN A 56 1.83 -2.88 13.06
CA GLN A 56 0.41 -3.07 12.77
C GLN A 56 -0.02 -4.53 12.76
N LYS A 57 0.76 -5.43 12.10
CA LYS A 57 0.41 -6.83 12.15
C LYS A 57 1.03 -7.61 13.30
N GLY A 58 2.14 -7.11 13.90
CA GLY A 58 2.74 -7.73 15.07
C GLY A 58 3.86 -8.66 14.70
N ASN A 59 4.94 -8.12 14.12
CA ASN A 59 6.04 -8.92 13.61
C ASN A 59 6.88 -9.64 14.68
N ARG A 60 7.19 -10.95 14.45
CA ARG A 60 8.09 -11.71 15.31
C ARG A 60 9.57 -11.42 15.14
N LYS A 61 10.01 -11.17 13.88
CA LYS A 61 11.33 -10.68 13.54
C LYS A 61 11.06 -9.37 12.86
N LYS A 62 11.91 -8.33 13.06
CA LYS A 62 11.54 -6.99 12.65
C LYS A 62 11.43 -6.76 11.14
N MET A 63 10.39 -5.98 10.76
CA MET A 63 10.15 -5.55 9.40
C MET A 63 11.05 -4.40 9.01
N THR A 64 11.56 -4.46 7.76
CA THR A 64 12.37 -3.41 7.17
C THR A 64 11.95 -3.32 5.73
N TYR A 65 12.43 -2.30 4.98
CA TYR A 65 11.92 -1.98 3.65
C TYR A 65 12.08 -3.13 2.68
N GLN A 66 13.24 -3.79 2.62
CA GLN A 66 13.44 -4.86 1.66
C GLN A 66 12.53 -6.07 1.88
N LYS A 67 12.21 -6.40 3.16
CA LYS A 67 11.25 -7.45 3.49
C LYS A 67 9.86 -7.13 2.97
N MET A 68 9.41 -5.87 3.15
CA MET A 68 8.17 -5.36 2.63
C MET A 68 8.17 -5.31 1.10
N ALA A 69 9.28 -4.81 0.49
CA ALA A 69 9.47 -4.62 -0.92
C ALA A 69 9.38 -5.88 -1.74
N ARG A 70 9.95 -7.00 -1.25
CA ARG A 70 9.84 -8.30 -1.88
C ARG A 70 8.42 -8.83 -1.96
N ALA A 71 7.64 -8.67 -0.88
CA ALA A 71 6.22 -8.94 -0.87
C ALA A 71 5.43 -7.99 -1.78
N LEU A 72 5.78 -6.68 -1.78
CA LEU A 72 5.25 -5.65 -2.65
C LEU A 72 5.50 -5.89 -4.14
N ARG A 73 6.72 -6.33 -4.52
CA ARG A 73 7.06 -6.70 -5.88
C ARG A 73 6.24 -7.85 -6.44
N ASN A 74 5.97 -8.89 -5.60
CA ASN A 74 5.23 -10.10 -5.97
C ASN A 74 3.80 -9.85 -6.43
N TYR A 75 3.18 -8.69 -6.10
CA TYR A 75 1.90 -8.28 -6.67
C TYR A 75 1.96 -8.03 -8.18
N GLY A 76 3.16 -7.73 -8.74
CA GLY A 76 3.35 -7.32 -10.13
C GLY A 76 2.88 -8.32 -11.17
N LYS A 77 3.10 -9.63 -10.94
CA LYS A 77 2.56 -10.68 -11.77
C LYS A 77 1.04 -10.81 -11.76
N THR A 78 0.36 -10.47 -10.63
CA THR A 78 -1.09 -10.40 -10.54
C THR A 78 -1.59 -9.13 -11.19
N GLY A 79 -0.89 -7.99 -10.94
CA GLY A 79 -1.16 -6.72 -11.60
C GLY A 79 -2.02 -5.79 -10.80
N GLU A 80 -2.27 -6.11 -9.51
CA GLU A 80 -2.99 -5.23 -8.58
C GLU A 80 -2.20 -3.96 -8.25
N VAL A 81 -0.89 -4.15 -7.96
CA VAL A 81 0.11 -3.13 -7.75
C VAL A 81 1.25 -3.52 -8.66
N LYS A 82 1.72 -2.62 -9.56
CA LYS A 82 2.84 -2.90 -10.45
C LYS A 82 3.99 -1.98 -10.20
N LYS A 83 5.22 -2.54 -10.30
CA LYS A 83 6.48 -1.84 -10.19
C LYS A 83 6.68 -0.89 -11.38
N VAL A 84 7.59 0.05 -11.18
CA VAL A 84 7.99 1.08 -12.11
C VAL A 84 9.49 0.97 -12.13
N LYS A 85 10.16 1.55 -13.16
CA LYS A 85 11.61 1.58 -13.27
C LYS A 85 12.30 2.32 -12.13
N LYS A 86 11.59 3.23 -11.43
CA LYS A 86 12.11 3.87 -10.24
C LYS A 86 11.68 3.04 -9.02
N LYS A 87 12.64 2.64 -8.16
CA LYS A 87 12.51 1.61 -7.14
C LYS A 87 11.42 1.88 -6.11
N LEU A 88 11.28 3.15 -5.69
CA LEU A 88 10.34 3.56 -4.66
C LEU A 88 8.99 3.97 -5.24
N THR A 89 8.75 3.74 -6.56
CA THR A 89 7.52 4.15 -7.22
C THR A 89 6.76 2.92 -7.68
N TYR A 90 5.45 2.83 -7.35
CA TYR A 90 4.55 1.80 -7.85
C TYR A 90 3.33 2.42 -8.50
N GLN A 91 2.76 1.70 -9.50
CA GLN A 91 1.47 1.98 -10.07
C GLN A 91 0.42 1.09 -9.44
N PHE A 92 -0.72 1.70 -9.00
CA PHE A 92 -1.85 0.97 -8.46
C PHE A 92 -2.95 0.94 -9.52
N SER A 93 -3.63 -0.22 -9.63
CA SER A 93 -4.66 -0.46 -10.62
C SER A 93 -6.03 0.10 -10.27
N GLY A 94 -6.95 0.18 -11.25
CA GLY A 94 -8.27 0.77 -11.08
C GLY A 94 -9.12 0.13 -10.00
N GLU A 95 -9.10 -1.21 -9.90
CA GLU A 95 -9.85 -1.95 -8.89
C GLU A 95 -9.43 -1.65 -7.45
N VAL A 96 -8.11 -1.57 -7.17
CA VAL A 96 -7.58 -1.11 -5.89
C VAL A 96 -7.80 0.37 -5.62
N LEU A 97 -7.57 1.24 -6.62
CA LEU A 97 -7.37 2.65 -6.38
C LEU A 97 -8.64 3.46 -6.59
N GLY A 98 -9.40 3.19 -7.67
CA GLY A 98 -10.62 3.93 -7.97
C GLY A 98 -10.79 4.10 -9.46
N ARG A 99 -11.99 4.56 -9.88
CA ARG A 99 -12.29 4.82 -11.26
C ARG A 99 -12.28 6.31 -11.50
N GLY A 100 -11.52 6.78 -12.52
CA GLY A 100 -11.44 8.18 -12.87
C GLY A 100 -10.34 8.29 -13.88
N GLY A 101 -10.10 9.51 -14.40
CA GLY A 101 -9.01 9.74 -15.33
C GLY A 101 -9.19 11.08 -15.98
N LEU A 102 -8.28 11.40 -16.92
CA LEU A 102 -8.29 12.52 -17.83
C LEU A 102 -8.17 13.91 -17.21
N ALA A 103 -7.81 13.99 -15.91
CA ALA A 103 -7.47 15.24 -15.27
C ALA A 103 -6.03 15.63 -15.58
N GLU A 104 -5.80 16.93 -15.89
CA GLU A 104 -4.49 17.41 -16.30
C GLU A 104 -4.28 18.82 -15.77
N ARG A 105 -3.01 19.24 -15.64
CA ARG A 105 -2.64 20.60 -15.30
C ARG A 105 -1.98 21.19 -16.52
N ARG A 106 -2.36 22.42 -16.93
CA ARG A 106 -1.79 23.09 -18.09
C ARG A 106 -0.35 23.50 -17.88
N LEU A 107 0.53 23.19 -18.86
CA LEU A 107 1.91 23.64 -18.88
C LEU A 107 1.96 24.78 -19.90
N PRO A 108 2.34 26.01 -19.54
CA PRO A 108 2.19 27.16 -20.45
C PRO A 108 3.25 27.15 -21.55
N PRO A 109 3.02 27.74 -22.73
CA PRO A 109 3.96 27.68 -23.85
C PRO A 109 5.17 28.58 -23.66
N HIS A 110 5.17 29.48 -22.67
CA HIS A 110 6.26 30.44 -22.44
C HIS A 110 7.62 29.79 -22.06
N HIS A 1 -28.10 -10.66 19.22
CA HIS A 1 -27.92 -11.12 17.79
C HIS A 1 -27.44 -10.06 16.81
N ILE A 2 -26.63 -10.50 15.80
CA ILE A 2 -26.07 -9.72 14.69
C ILE A 2 -24.92 -8.82 15.15
N HIS A 3 -23.72 -9.03 14.56
CA HIS A 3 -22.56 -8.20 14.79
C HIS A 3 -22.47 -7.14 13.70
N MET A 4 -22.23 -5.86 14.09
CA MET A 4 -22.03 -4.77 13.16
C MET A 4 -20.61 -4.26 13.32
N GLY A 5 -19.87 -4.13 12.19
CA GLY A 5 -18.52 -3.58 12.19
C GLY A 5 -17.46 -4.65 12.25
N SER A 6 -17.01 -5.13 11.07
CA SER A 6 -15.93 -6.09 10.98
C SER A 6 -15.22 -5.76 9.68
N LYS A 7 -13.91 -6.03 9.60
CA LYS A 7 -13.10 -5.72 8.43
C LYS A 7 -12.20 -6.91 8.20
N LYS A 8 -11.98 -7.29 6.91
CA LYS A 8 -11.08 -8.37 6.53
C LYS A 8 -9.61 -8.02 6.80
N LYS A 9 -8.75 -9.05 6.97
CA LYS A 9 -7.36 -8.85 7.35
C LYS A 9 -6.52 -8.19 6.27
N ILE A 10 -5.40 -7.57 6.71
CA ILE A 10 -4.69 -6.58 5.92
C ILE A 10 -3.50 -7.22 5.20
N ARG A 11 -3.45 -7.04 3.86
CA ARG A 11 -2.33 -7.37 3.03
C ARG A 11 -1.68 -6.06 2.59
N LEU A 12 -0.44 -6.10 2.03
CA LEU A 12 0.44 -4.94 1.91
C LEU A 12 -0.17 -3.82 1.09
N TYR A 13 -0.80 -4.12 -0.07
CA TYR A 13 -1.30 -3.12 -1.01
C TYR A 13 -2.36 -2.20 -0.40
N GLN A 14 -3.23 -2.78 0.45
CA GLN A 14 -4.35 -2.15 1.12
C GLN A 14 -3.86 -1.10 2.10
N PHE A 15 -2.79 -1.43 2.87
CA PHE A 15 -2.23 -0.57 3.89
C PHE A 15 -1.67 0.72 3.30
N LEU A 16 -0.90 0.62 2.19
CA LEU A 16 -0.38 1.78 1.47
C LEU A 16 -1.45 2.64 0.85
N LEU A 17 -2.50 2.07 0.23
CA LEU A 17 -3.64 2.83 -0.28
C LEU A 17 -4.39 3.54 0.87
N ASP A 18 -4.58 2.83 2.02
CA ASP A 18 -5.17 3.37 3.24
C ASP A 18 -4.37 4.54 3.85
N LEU A 19 -3.02 4.53 3.81
CA LEU A 19 -2.18 5.63 4.28
C LEU A 19 -2.43 6.96 3.58
N LEU A 20 -2.60 6.98 2.24
CA LEU A 20 -2.99 8.21 1.53
C LEU A 20 -4.36 8.76 1.93
N ARG A 21 -5.42 7.92 2.02
CA ARG A 21 -6.76 8.38 2.34
C ARG A 21 -6.99 8.70 3.81
N SER A 22 -6.21 8.08 4.74
CA SER A 22 -6.28 8.32 6.18
C SER A 22 -5.94 9.74 6.58
N GLY A 23 -4.95 10.37 5.91
CA GLY A 23 -4.64 11.78 6.11
C GLY A 23 -3.68 12.03 7.23
N ASP A 24 -3.99 11.49 8.44
CA ASP A 24 -3.20 11.68 9.64
C ASP A 24 -1.86 10.95 9.49
N MET A 25 -0.75 11.74 9.41
CA MET A 25 0.61 11.29 9.12
C MET A 25 0.77 10.58 7.79
N LYS A 26 0.06 11.04 6.74
CA LYS A 26 0.13 10.49 5.39
C LYS A 26 1.48 10.63 4.70
N ASP A 27 2.31 11.61 5.11
CA ASP A 27 3.40 12.24 4.37
C ASP A 27 4.54 11.31 3.96
N SER A 28 4.59 10.07 4.51
CA SER A 28 5.48 9.01 4.09
C SER A 28 5.24 8.54 2.66
N ILE A 29 3.98 8.52 2.18
CA ILE A 29 3.64 8.20 0.81
C ILE A 29 2.84 9.36 0.29
N TRP A 30 3.13 9.74 -0.95
CA TRP A 30 2.36 10.75 -1.65
C TRP A 30 1.98 10.32 -3.06
N TRP A 31 0.94 10.98 -3.62
CA TRP A 31 0.49 10.79 -4.99
C TRP A 31 1.43 11.59 -5.86
N VAL A 32 2.20 10.94 -6.76
CA VAL A 32 3.06 11.65 -7.70
C VAL A 32 2.21 12.21 -8.84
N ASP A 33 1.25 11.38 -9.32
CA ASP A 33 0.47 11.60 -10.51
C ASP A 33 -0.89 10.96 -10.37
N LYS A 34 -1.95 11.78 -10.14
CA LYS A 34 -3.31 11.34 -9.87
C LYS A 34 -3.95 10.57 -11.01
N ASP A 35 -3.78 11.04 -12.26
CA ASP A 35 -4.34 10.44 -13.46
C ASP A 35 -3.78 9.06 -13.78
N LYS A 36 -2.47 8.86 -13.53
CA LYS A 36 -1.77 7.61 -13.71
C LYS A 36 -2.10 6.62 -12.61
N GLY A 37 -2.18 7.13 -11.35
CA GLY A 37 -2.29 6.29 -10.17
C GLY A 37 -0.96 5.72 -9.77
N THR A 38 0.11 6.48 -10.09
CA THR A 38 1.45 6.31 -9.57
C THR A 38 1.54 6.90 -8.17
N PHE A 39 2.19 6.15 -7.27
CA PHE A 39 2.47 6.60 -5.92
C PHE A 39 3.95 6.43 -5.75
N GLN A 40 4.61 7.38 -5.06
CA GLN A 40 6.00 7.19 -4.67
C GLN A 40 6.20 7.35 -3.18
N PHE A 41 7.19 6.58 -2.67
CA PHE A 41 7.53 6.49 -1.27
C PHE A 41 8.61 7.50 -0.93
N SER A 42 8.56 8.09 0.29
CA SER A 42 9.62 8.97 0.77
C SER A 42 10.94 8.23 1.00
N SER A 43 12.06 8.78 0.47
CA SER A 43 13.39 8.23 0.65
C SER A 43 13.93 8.31 2.07
N LYS A 44 13.66 9.43 2.78
CA LYS A 44 14.03 9.66 4.16
C LYS A 44 13.34 8.70 5.12
N HIS A 45 12.04 8.44 4.87
CA HIS A 45 11.15 7.81 5.84
C HIS A 45 11.02 6.30 5.64
N LYS A 46 11.88 5.65 4.82
CA LYS A 46 11.67 4.26 4.41
C LYS A 46 11.62 3.25 5.56
N GLU A 47 12.57 3.36 6.52
CA GLU A 47 12.57 2.51 7.70
C GLU A 47 11.40 2.77 8.64
N ALA A 48 10.96 4.03 8.79
CA ALA A 48 9.79 4.42 9.56
C ALA A 48 8.48 3.94 8.95
N LEU A 49 8.35 4.03 7.60
CA LEU A 49 7.22 3.54 6.81
C LEU A 49 7.09 2.04 6.98
N ALA A 50 8.23 1.32 6.87
CA ALA A 50 8.37 -0.09 7.15
C ALA A 50 8.09 -0.47 8.60
N HIS A 51 8.60 0.31 9.60
CA HIS A 51 8.35 0.10 11.02
C HIS A 51 6.88 0.21 11.37
N ARG A 52 6.17 1.22 10.82
CA ARG A 52 4.74 1.45 11.02
C ARG A 52 3.89 0.25 10.53
N TRP A 53 4.22 -0.30 9.35
CA TRP A 53 3.73 -1.55 8.80
C TRP A 53 4.12 -2.75 9.64
N GLY A 54 5.39 -2.86 10.08
CA GLY A 54 5.84 -3.96 10.93
C GLY A 54 5.14 -4.03 12.26
N ILE A 55 5.02 -2.88 12.98
CA ILE A 55 4.23 -2.80 14.20
C ILE A 55 2.74 -2.98 13.92
N GLN A 56 2.21 -2.50 12.76
CA GLN A 56 0.83 -2.84 12.39
C GLN A 56 0.59 -4.34 12.17
N LYS A 57 1.52 -5.02 11.45
CA LYS A 57 1.49 -6.43 11.16
C LYS A 57 1.61 -7.31 12.41
N GLY A 58 2.55 -7.01 13.34
CA GLY A 58 2.58 -7.77 14.58
C GLY A 58 3.62 -7.29 15.56
N ASN A 59 3.46 -7.69 16.84
CA ASN A 59 4.40 -7.42 17.92
C ASN A 59 5.73 -8.16 17.75
N ARG A 60 5.67 -9.44 17.33
CA ARG A 60 6.80 -10.34 17.32
C ARG A 60 7.45 -10.38 15.94
N LYS A 61 8.81 -10.29 15.93
CA LYS A 61 9.72 -10.30 14.78
C LYS A 61 9.72 -9.00 13.98
N LYS A 62 10.93 -8.50 13.63
CA LYS A 62 11.09 -7.26 12.88
C LYS A 62 10.79 -7.37 11.40
N MET A 63 10.40 -6.23 10.79
CA MET A 63 10.26 -6.12 9.35
C MET A 63 10.99 -4.90 8.84
N THR A 64 11.74 -5.10 7.73
CA THR A 64 12.50 -4.08 7.04
C THR A 64 11.75 -3.62 5.82
N TYR A 65 12.24 -2.52 5.20
CA TYR A 65 11.78 -2.07 3.91
C TYR A 65 11.98 -3.12 2.83
N GLN A 66 13.15 -3.79 2.79
CA GLN A 66 13.44 -4.81 1.81
C GLN A 66 12.52 -6.02 1.92
N LYS A 67 12.18 -6.49 3.15
CA LYS A 67 11.21 -7.55 3.37
C LYS A 67 9.83 -7.17 2.87
N MET A 68 9.37 -5.92 3.16
CA MET A 68 8.13 -5.36 2.65
C MET A 68 8.13 -5.25 1.13
N ALA A 69 9.24 -4.76 0.54
CA ALA A 69 9.43 -4.58 -0.89
C ALA A 69 9.34 -5.88 -1.68
N ARG A 70 9.90 -7.00 -1.16
CA ARG A 70 9.74 -8.30 -1.79
C ARG A 70 8.30 -8.77 -1.87
N ALA A 71 7.50 -8.57 -0.80
CA ALA A 71 6.06 -8.78 -0.85
C ALA A 71 5.32 -7.79 -1.74
N LEU A 72 5.69 -6.50 -1.72
CA LEU A 72 5.17 -5.45 -2.59
C LEU A 72 5.42 -5.73 -4.07
N ARG A 73 6.60 -6.27 -4.40
CA ARG A 73 6.91 -6.79 -5.71
C ARG A 73 6.01 -7.94 -6.15
N ASN A 74 5.58 -8.86 -5.23
CA ASN A 74 4.96 -10.13 -5.56
C ASN A 74 3.59 -9.95 -6.22
N TYR A 75 2.96 -8.76 -6.02
CA TYR A 75 1.73 -8.33 -6.64
C TYR A 75 1.86 -8.16 -8.14
N GLY A 76 3.10 -7.91 -8.64
CA GLY A 76 3.41 -7.57 -10.02
C GLY A 76 2.99 -8.59 -11.05
N LYS A 77 3.13 -9.90 -10.75
CA LYS A 77 2.67 -10.97 -11.62
C LYS A 77 1.15 -10.98 -11.83
N THR A 78 0.38 -10.63 -10.77
CA THR A 78 -1.08 -10.51 -10.79
C THR A 78 -1.49 -9.20 -11.43
N GLY A 79 -0.78 -8.09 -11.09
CA GLY A 79 -0.96 -6.80 -11.72
C GLY A 79 -1.80 -5.84 -10.94
N GLU A 80 -2.12 -6.16 -9.67
CA GLU A 80 -2.84 -5.29 -8.76
C GLU A 80 -2.06 -4.04 -8.41
N VAL A 81 -0.76 -4.21 -8.13
CA VAL A 81 0.22 -3.17 -7.92
C VAL A 81 1.38 -3.52 -8.84
N LYS A 82 1.80 -2.57 -9.72
CA LYS A 82 2.86 -2.77 -10.70
C LYS A 82 4.05 -1.90 -10.38
N LYS A 83 5.27 -2.47 -10.45
CA LYS A 83 6.53 -1.76 -10.25
C LYS A 83 6.83 -0.86 -11.43
N VAL A 84 7.72 0.12 -11.19
CA VAL A 84 8.11 1.15 -12.11
C VAL A 84 9.62 1.07 -12.14
N LYS A 85 10.27 1.74 -13.12
CA LYS A 85 11.72 1.80 -13.27
C LYS A 85 12.41 2.44 -12.08
N LYS A 86 11.68 3.28 -11.29
CA LYS A 86 12.20 3.77 -10.02
C LYS A 86 11.61 2.92 -8.91
N LYS A 87 12.47 2.36 -8.02
CA LYS A 87 12.13 1.32 -7.06
C LYS A 87 11.06 1.71 -6.04
N LEU A 88 11.11 2.97 -5.57
CA LEU A 88 10.17 3.55 -4.62
C LEU A 88 8.86 3.99 -5.25
N THR A 89 8.67 3.82 -6.59
CA THR A 89 7.46 4.24 -7.28
C THR A 89 6.71 3.02 -7.74
N TYR A 90 5.38 2.94 -7.42
CA TYR A 90 4.50 1.89 -7.93
C TYR A 90 3.27 2.49 -8.57
N GLN A 91 2.74 1.77 -9.58
CA GLN A 91 1.47 1.99 -10.23
C GLN A 91 0.42 1.08 -9.61
N PHE A 92 -0.75 1.62 -9.23
CA PHE A 92 -1.84 0.83 -8.68
C PHE A 92 -2.92 0.65 -9.73
N SER A 93 -3.56 -0.54 -9.76
CA SER A 93 -4.58 -0.91 -10.74
C SER A 93 -5.94 -0.29 -10.42
N GLY A 94 -6.89 -0.32 -11.38
CA GLY A 94 -8.22 0.26 -11.23
C GLY A 94 -9.04 -0.34 -10.11
N GLU A 95 -8.99 -1.68 -9.94
CA GLU A 95 -9.74 -2.41 -8.93
C GLU A 95 -9.37 -2.03 -7.49
N VAL A 96 -8.06 -1.90 -7.17
CA VAL A 96 -7.59 -1.32 -5.92
C VAL A 96 -7.89 0.16 -5.76
N LEU A 97 -7.67 0.94 -6.82
CA LEU A 97 -7.60 2.39 -6.71
C LEU A 97 -8.98 3.01 -6.67
N GLY A 98 -9.90 2.49 -7.53
CA GLY A 98 -11.26 3.00 -7.63
C GLY A 98 -11.35 4.27 -8.43
N ARG A 99 -12.33 5.12 -8.09
CA ARG A 99 -12.56 6.41 -8.72
C ARG A 99 -12.60 7.44 -7.61
N GLY A 100 -11.94 8.60 -7.80
CA GLY A 100 -11.90 9.63 -6.78
C GLY A 100 -11.26 10.85 -7.36
N GLY A 101 -11.18 11.93 -6.55
CA GLY A 101 -10.61 13.19 -6.99
C GLY A 101 -10.76 14.16 -5.87
N LEU A 102 -10.47 15.45 -6.11
CA LEU A 102 -10.59 16.49 -5.13
C LEU A 102 -11.14 17.73 -5.82
N ALA A 103 -11.71 18.68 -5.04
CA ALA A 103 -12.31 19.87 -5.57
C ALA A 103 -11.32 21.01 -5.63
N GLU A 104 -11.38 21.82 -6.72
CA GLU A 104 -10.56 23.00 -6.88
C GLU A 104 -11.05 24.18 -6.06
N ARG A 105 -10.11 25.09 -5.69
CA ARG A 105 -10.41 26.31 -4.99
C ARG A 105 -9.48 27.38 -5.51
N ARG A 106 -9.83 28.66 -5.30
CA ARG A 106 -9.03 29.77 -5.81
C ARG A 106 -7.95 30.17 -4.82
N LEU A 107 -6.70 30.31 -5.31
CA LEU A 107 -5.58 30.80 -4.55
C LEU A 107 -5.03 31.99 -5.32
N PRO A 108 -4.92 33.22 -4.81
CA PRO A 108 -4.31 34.32 -5.54
C PRO A 108 -2.79 34.18 -5.57
N PRO A 109 -2.06 34.78 -6.50
CA PRO A 109 -0.59 34.72 -6.54
C PRO A 109 0.04 35.62 -5.48
N HIS A 110 -0.75 36.47 -4.81
CA HIS A 110 -0.26 37.52 -3.93
C HIS A 110 0.20 37.01 -2.54
N HIS A 1 -23.73 -6.76 13.41
CA HIS A 1 -22.29 -6.89 12.99
C HIS A 1 -21.78 -5.73 12.12
N ILE A 2 -21.68 -4.52 12.72
CA ILE A 2 -21.23 -3.31 12.04
C ILE A 2 -20.14 -2.69 12.88
N HIS A 3 -19.31 -1.81 12.27
CA HIS A 3 -18.18 -1.18 12.92
C HIS A 3 -18.07 0.24 12.43
N MET A 4 -17.51 1.13 13.26
CA MET A 4 -17.14 2.50 12.95
C MET A 4 -16.04 2.58 11.89
N GLY A 5 -15.03 1.67 11.98
CA GLY A 5 -13.89 1.63 11.08
C GLY A 5 -13.99 0.49 10.11
N SER A 6 -12.90 -0.30 9.96
CA SER A 6 -12.88 -1.42 9.02
C SER A 6 -13.66 -2.65 9.50
N LYS A 7 -14.20 -3.41 8.51
CA LYS A 7 -14.95 -4.63 8.72
C LYS A 7 -14.20 -5.87 8.27
N LYS A 8 -13.04 -5.70 7.61
CA LYS A 8 -12.21 -6.79 7.13
C LYS A 8 -10.77 -6.41 7.37
N LYS A 9 -9.87 -7.42 7.43
CA LYS A 9 -8.45 -7.21 7.62
C LYS A 9 -7.75 -6.70 6.38
N ILE A 10 -6.90 -5.67 6.58
CA ILE A 10 -6.05 -5.09 5.58
C ILE A 10 -4.82 -5.93 5.24
N ARG A 11 -4.53 -6.04 3.92
CA ARG A 11 -3.31 -6.58 3.36
C ARG A 11 -2.34 -5.46 3.07
N LEU A 12 -1.09 -5.79 2.65
CA LEU A 12 -0.03 -4.82 2.44
C LEU A 12 -0.40 -3.79 1.38
N TYR A 13 -0.99 -4.19 0.22
CA TYR A 13 -1.35 -3.25 -0.83
C TYR A 13 -2.45 -2.27 -0.40
N GLN A 14 -3.42 -2.75 0.41
CA GLN A 14 -4.46 -1.95 1.06
C GLN A 14 -3.89 -0.96 2.05
N PHE A 15 -2.88 -1.36 2.87
CA PHE A 15 -2.25 -0.48 3.84
C PHE A 15 -1.61 0.72 3.19
N LEU A 16 -0.82 0.55 2.10
CA LEU A 16 -0.23 1.68 1.40
C LEU A 16 -1.25 2.59 0.72
N LEU A 17 -2.31 2.05 0.08
CA LEU A 17 -3.38 2.88 -0.48
C LEU A 17 -4.13 3.65 0.62
N ASP A 18 -4.47 2.97 1.76
CA ASP A 18 -5.11 3.57 2.93
C ASP A 18 -4.29 4.63 3.64
N LEU A 19 -2.94 4.55 3.60
CA LEU A 19 -1.98 5.42 4.27
C LEU A 19 -2.13 6.88 3.84
N LEU A 20 -2.35 7.14 2.54
CA LEU A 20 -2.70 8.45 2.02
C LEU A 20 -4.05 8.99 2.52
N ARG A 21 -5.08 8.11 2.61
CA ARG A 21 -6.49 8.43 2.86
C ARG A 21 -6.76 9.07 4.21
N SER A 22 -5.81 8.95 5.17
CA SER A 22 -5.82 9.63 6.46
C SER A 22 -5.85 11.14 6.30
N GLY A 23 -5.14 11.70 5.29
CA GLY A 23 -5.29 13.09 4.90
C GLY A 23 -4.49 14.08 5.71
N ASP A 24 -3.66 13.59 6.64
CA ASP A 24 -2.75 14.40 7.40
C ASP A 24 -1.61 13.45 7.71
N MET A 25 -0.42 13.98 8.05
CA MET A 25 0.83 13.25 8.26
C MET A 25 1.27 12.44 7.05
N LYS A 26 1.03 12.95 5.81
CA LYS A 26 1.38 12.27 4.57
C LYS A 26 2.84 12.51 4.22
N ASP A 27 3.73 12.17 5.18
CA ASP A 27 5.16 12.33 5.10
C ASP A 27 5.84 11.17 4.39
N SER A 28 5.21 9.98 4.38
CA SER A 28 5.81 8.79 3.83
C SER A 28 5.39 8.49 2.40
N ILE A 29 4.07 8.58 2.08
CA ILE A 29 3.53 8.29 0.75
C ILE A 29 2.65 9.44 0.34
N TRP A 30 2.78 9.81 -0.93
CA TRP A 30 1.95 10.81 -1.60
C TRP A 30 1.67 10.40 -3.04
N TRP A 31 0.65 11.04 -3.66
CA TRP A 31 0.29 10.85 -5.06
C TRP A 31 1.27 11.66 -5.88
N VAL A 32 1.96 11.03 -6.85
CA VAL A 32 2.77 11.77 -7.80
C VAL A 32 1.89 12.19 -8.98
N ASP A 33 0.94 11.31 -9.39
CA ASP A 33 0.12 11.55 -10.56
C ASP A 33 -1.25 10.91 -10.32
N LYS A 34 -2.36 11.71 -10.25
CA LYS A 34 -3.69 11.18 -10.05
C LYS A 34 -4.20 10.26 -11.18
N ASP A 35 -4.02 10.66 -12.47
CA ASP A 35 -4.53 9.95 -13.62
C ASP A 35 -3.83 8.62 -13.88
N LYS A 36 -2.48 8.60 -13.77
CA LYS A 36 -1.61 7.45 -13.94
C LYS A 36 -1.79 6.45 -12.84
N GLY A 37 -1.96 6.96 -11.60
CA GLY A 37 -2.06 6.15 -10.41
C GLY A 37 -0.72 5.64 -9.96
N THR A 38 0.34 6.42 -10.29
CA THR A 38 1.66 6.37 -9.70
C THR A 38 1.64 6.92 -8.29
N PHE A 39 2.25 6.18 -7.36
CA PHE A 39 2.46 6.63 -6.00
C PHE A 39 3.95 6.48 -5.78
N GLN A 40 4.60 7.46 -5.15
CA GLN A 40 6.00 7.37 -4.79
C GLN A 40 6.19 7.43 -3.29
N PHE A 41 7.21 6.70 -2.80
CA PHE A 41 7.49 6.56 -1.39
C PHE A 41 8.67 7.45 -1.05
N SER A 42 8.65 8.11 0.14
CA SER A 42 9.79 8.89 0.62
C SER A 42 11.00 8.01 0.93
N SER A 43 12.20 8.43 0.47
CA SER A 43 13.47 7.77 0.76
C SER A 43 13.84 7.81 2.24
N LYS A 44 13.66 8.99 2.88
CA LYS A 44 13.95 9.23 4.28
C LYS A 44 13.09 8.39 5.22
N HIS A 45 11.78 8.29 4.91
CA HIS A 45 10.79 7.70 5.79
C HIS A 45 10.54 6.23 5.43
N LYS A 46 11.39 5.67 4.55
CA LYS A 46 11.33 4.32 4.00
C LYS A 46 11.43 3.23 5.05
N GLU A 47 12.36 3.38 6.03
CA GLU A 47 12.48 2.48 7.17
C GLU A 47 11.26 2.54 8.08
N ALA A 48 10.75 3.76 8.37
CA ALA A 48 9.58 4.02 9.19
C ALA A 48 8.30 3.43 8.62
N LEU A 49 8.15 3.52 7.28
CA LEU A 49 7.01 3.03 6.50
C LEU A 49 6.81 1.52 6.66
N ALA A 50 7.89 0.73 6.53
CA ALA A 50 7.91 -0.69 6.85
C ALA A 50 7.79 -0.99 8.34
N HIS A 51 8.51 -0.22 9.21
CA HIS A 51 8.54 -0.42 10.65
C HIS A 51 7.18 -0.27 11.30
N ARG A 52 6.38 0.76 10.91
CA ARG A 52 5.04 1.00 11.40
C ARG A 52 4.09 -0.16 11.11
N TRP A 53 4.18 -0.74 9.88
CA TRP A 53 3.50 -1.93 9.44
C TRP A 53 3.94 -3.17 10.23
N GLY A 54 5.26 -3.33 10.42
CA GLY A 54 5.84 -4.43 11.19
C GLY A 54 5.39 -4.45 12.63
N ILE A 55 5.44 -3.29 13.30
CA ILE A 55 4.84 -3.09 14.61
C ILE A 55 3.32 -3.23 14.61
N GLN A 56 2.54 -2.67 13.64
CA GLN A 56 1.09 -2.79 13.78
C GLN A 56 0.56 -4.21 13.58
N LYS A 57 1.17 -5.01 12.67
CA LYS A 57 0.88 -6.43 12.54
C LYS A 57 1.33 -7.24 13.75
N GLY A 58 2.58 -6.97 14.24
CA GLY A 58 3.16 -7.65 15.39
C GLY A 58 3.36 -9.14 15.22
N ASN A 59 3.23 -9.89 16.34
CA ASN A 59 3.37 -11.34 16.58
C ASN A 59 4.60 -12.06 16.03
N ARG A 60 5.03 -11.79 14.79
CA ARG A 60 6.25 -12.27 14.17
C ARG A 60 7.37 -11.26 14.40
N LYS A 61 8.62 -11.62 14.04
CA LYS A 61 9.73 -10.69 14.03
C LYS A 61 9.50 -9.60 12.99
N LYS A 62 9.81 -8.34 13.34
CA LYS A 62 9.32 -7.17 12.63
C LYS A 62 9.86 -6.93 11.22
N MET A 63 9.06 -6.22 10.41
CA MET A 63 9.40 -5.76 9.08
C MET A 63 10.50 -4.71 9.00
N THR A 64 11.25 -4.81 7.88
CA THR A 64 12.27 -3.90 7.44
C THR A 64 11.98 -3.71 5.96
N TYR A 65 12.67 -2.77 5.27
CA TYR A 65 12.34 -2.36 3.92
C TYR A 65 12.39 -3.49 2.90
N GLN A 66 13.45 -4.33 2.90
CA GLN A 66 13.61 -5.35 1.89
C GLN A 66 12.48 -6.35 1.95
N LYS A 67 12.15 -6.72 3.21
CA LYS A 67 11.27 -7.80 3.51
C LYS A 67 9.86 -7.50 3.00
N MET A 68 9.40 -6.25 3.27
CA MET A 68 8.19 -5.67 2.70
C MET A 68 8.28 -5.50 1.19
N ALA A 69 9.42 -4.99 0.65
CA ALA A 69 9.61 -4.72 -0.76
C ALA A 69 9.49 -5.96 -1.62
N ARG A 70 10.05 -7.11 -1.20
CA ARG A 70 9.86 -8.39 -1.87
C ARG A 70 8.41 -8.85 -1.86
N ALA A 71 7.70 -8.71 -0.73
CA ALA A 71 6.27 -8.99 -0.62
C ALA A 71 5.42 -8.07 -1.50
N LEU A 72 5.73 -6.75 -1.53
CA LEU A 72 5.09 -5.74 -2.37
C LEU A 72 5.34 -6.02 -3.85
N ARG A 73 6.57 -6.41 -4.23
CA ARG A 73 6.94 -6.75 -5.58
C ARG A 73 6.15 -7.94 -6.13
N ASN A 74 5.86 -8.96 -5.28
CA ASN A 74 5.10 -10.15 -5.64
C ASN A 74 3.66 -9.87 -6.05
N TYR A 75 3.07 -8.67 -5.79
CA TYR A 75 1.79 -8.31 -6.40
C TYR A 75 1.88 -8.15 -7.92
N GLY A 76 3.09 -7.89 -8.47
CA GLY A 76 3.35 -7.56 -9.87
C GLY A 76 2.92 -8.58 -10.88
N LYS A 77 3.02 -9.89 -10.55
CA LYS A 77 2.53 -10.97 -11.41
C LYS A 77 1.02 -10.93 -11.61
N THR A 78 0.26 -10.53 -10.56
CA THR A 78 -1.18 -10.31 -10.59
C THR A 78 -1.49 -8.98 -11.25
N GLY A 79 -0.71 -7.93 -10.93
CA GLY A 79 -0.78 -6.64 -11.60
C GLY A 79 -1.63 -5.62 -10.88
N GLU A 80 -2.05 -5.92 -9.64
CA GLU A 80 -2.82 -5.02 -8.79
C GLU A 80 -2.01 -3.78 -8.41
N VAL A 81 -0.72 -4.00 -8.05
CA VAL A 81 0.29 -2.99 -7.84
C VAL A 81 1.46 -3.44 -8.68
N LYS A 82 2.05 -2.57 -9.54
CA LYS A 82 3.24 -2.95 -10.29
C LYS A 82 4.33 -1.90 -10.22
N LYS A 83 5.58 -2.39 -10.36
CA LYS A 83 6.84 -1.68 -10.32
C LYS A 83 6.99 -0.64 -11.44
N VAL A 84 7.57 0.53 -11.14
CA VAL A 84 7.95 1.52 -12.14
C VAL A 84 9.47 1.54 -12.20
N LYS A 85 10.06 2.06 -13.29
CA LYS A 85 11.50 2.19 -13.49
C LYS A 85 12.17 3.06 -12.44
N LYS A 86 11.41 3.96 -11.77
CA LYS A 86 11.90 4.66 -10.60
C LYS A 86 11.64 3.78 -9.38
N LYS A 87 12.69 3.48 -8.58
CA LYS A 87 12.73 2.37 -7.63
C LYS A 87 11.67 2.43 -6.53
N LEU A 88 11.40 3.63 -6.00
CA LEU A 88 10.46 3.83 -4.91
C LEU A 88 9.08 4.22 -5.42
N THR A 89 8.80 4.01 -6.73
CA THR A 89 7.52 4.37 -7.34
C THR A 89 6.83 3.11 -7.83
N TYR A 90 5.54 2.95 -7.48
CA TYR A 90 4.67 1.90 -8.01
C TYR A 90 3.43 2.50 -8.63
N GLN A 91 2.88 1.79 -9.65
CA GLN A 91 1.55 2.06 -10.19
C GLN A 91 0.56 1.10 -9.59
N PHE A 92 -0.61 1.62 -9.18
CA PHE A 92 -1.70 0.85 -8.66
C PHE A 92 -2.79 0.76 -9.72
N SER A 93 -3.47 -0.39 -9.79
CA SER A 93 -4.48 -0.67 -10.81
C SER A 93 -5.84 -0.03 -10.49
N GLY A 94 -6.80 -0.14 -11.42
CA GLY A 94 -8.14 0.40 -11.27
C GLY A 94 -8.94 -0.19 -10.14
N GLU A 95 -8.86 -1.53 -9.96
CA GLU A 95 -9.64 -2.27 -8.97
C GLU A 95 -9.32 -1.87 -7.53
N VAL A 96 -8.02 -1.72 -7.19
CA VAL A 96 -7.55 -1.26 -5.89
C VAL A 96 -7.96 0.16 -5.51
N LEU A 97 -7.90 1.12 -6.44
CA LEU A 97 -8.41 2.46 -6.23
C LEU A 97 -9.94 2.50 -6.20
N GLY A 98 -10.59 1.78 -7.14
CA GLY A 98 -12.04 1.82 -7.31
C GLY A 98 -12.86 1.05 -6.30
N ARG A 99 -12.47 -0.21 -6.01
CA ARG A 99 -13.24 -1.13 -5.18
C ARG A 99 -12.48 -1.53 -3.94
N GLY A 100 -11.16 -1.81 -4.09
CA GLY A 100 -10.29 -2.30 -3.03
C GLY A 100 -9.88 -3.72 -3.30
N GLY A 101 -10.84 -4.64 -3.45
CA GLY A 101 -10.56 -6.02 -3.77
C GLY A 101 -11.83 -6.81 -3.63
N LEU A 102 -11.72 -8.14 -3.72
CA LEU A 102 -12.82 -9.05 -3.47
C LEU A 102 -12.29 -10.25 -2.72
N ALA A 103 -13.15 -10.93 -1.93
CA ALA A 103 -12.77 -12.10 -1.19
C ALA A 103 -14.04 -12.84 -0.88
N GLU A 104 -13.95 -14.14 -0.53
CA GLU A 104 -15.06 -14.93 -0.05
C GLU A 104 -14.61 -15.54 1.25
N ARG A 105 -15.44 -15.45 2.31
CA ARG A 105 -15.11 -15.99 3.61
C ARG A 105 -16.39 -16.38 4.32
N ARG A 106 -16.28 -17.22 5.37
CA ARG A 106 -17.32 -17.33 6.37
C ARG A 106 -17.06 -16.22 7.38
N LEU A 107 -18.12 -15.49 7.80
CA LEU A 107 -17.94 -14.24 8.51
C LEU A 107 -17.57 -14.47 9.98
N PRO A 108 -16.44 -14.00 10.51
CA PRO A 108 -16.15 -14.08 11.94
C PRO A 108 -16.92 -13.00 12.70
N PRO A 109 -17.13 -13.07 14.01
CA PRO A 109 -17.62 -11.94 14.77
C PRO A 109 -16.58 -10.82 14.80
N HIS A 110 -17.00 -9.55 14.77
CA HIS A 110 -16.06 -8.45 14.58
C HIS A 110 -15.19 -8.11 15.82
N HIS A 1 -30.16 -6.35 13.32
CA HIS A 1 -29.21 -6.93 14.33
C HIS A 1 -27.95 -6.12 14.62
N ILE A 2 -27.41 -6.27 15.85
CA ILE A 2 -26.24 -5.53 16.29
C ILE A 2 -25.00 -6.14 15.64
N HIS A 3 -24.26 -5.30 14.88
CA HIS A 3 -23.06 -5.68 14.16
C HIS A 3 -21.95 -4.77 14.63
N MET A 4 -20.70 -5.29 14.70
CA MET A 4 -19.54 -4.56 15.19
C MET A 4 -19.13 -3.38 14.32
N GLY A 5 -19.29 -3.50 12.98
CA GLY A 5 -18.88 -2.49 12.03
C GLY A 5 -18.60 -3.22 10.76
N SER A 6 -17.97 -2.54 9.78
CA SER A 6 -17.47 -3.17 8.57
C SER A 6 -16.30 -4.10 8.86
N LYS A 7 -16.17 -5.20 8.10
CA LYS A 7 -15.05 -6.12 8.26
C LYS A 7 -13.79 -5.57 7.63
N LYS A 8 -12.66 -5.66 8.36
CA LYS A 8 -11.38 -5.19 7.89
C LYS A 8 -10.35 -6.22 8.29
N LYS A 9 -9.45 -6.61 7.35
CA LYS A 9 -8.33 -7.46 7.66
C LYS A 9 -7.17 -6.79 6.94
N ILE A 10 -6.00 -6.66 7.61
CA ILE A 10 -4.83 -6.01 7.04
C ILE A 10 -4.04 -6.85 6.03
N ARG A 11 -3.72 -6.24 4.88
CA ARG A 11 -2.91 -6.83 3.85
C ARG A 11 -2.11 -5.67 3.30
N LEU A 12 -0.87 -5.91 2.78
CA LEU A 12 0.10 -4.87 2.52
C LEU A 12 -0.38 -3.84 1.51
N TYR A 13 -0.99 -4.25 0.37
CA TYR A 13 -1.37 -3.32 -0.69
C TYR A 13 -2.43 -2.30 -0.26
N GLN A 14 -3.37 -2.72 0.62
CA GLN A 14 -4.37 -1.88 1.24
C GLN A 14 -3.77 -0.83 2.15
N PHE A 15 -2.74 -1.19 2.96
CA PHE A 15 -2.20 -0.34 4.01
C PHE A 15 -1.63 0.97 3.48
N LEU A 16 -0.78 0.94 2.44
CA LEU A 16 -0.16 2.11 1.83
C LEU A 16 -1.21 3.00 1.16
N LEU A 17 -2.16 2.39 0.41
CA LEU A 17 -3.25 3.10 -0.26
C LEU A 17 -4.16 3.78 0.75
N ASP A 18 -4.52 3.08 1.85
CA ASP A 18 -5.27 3.62 2.96
C ASP A 18 -4.52 4.74 3.67
N LEU A 19 -3.17 4.62 3.81
CA LEU A 19 -2.30 5.51 4.56
C LEU A 19 -2.37 6.92 4.00
N LEU A 20 -2.26 7.03 2.66
CA LEU A 20 -2.35 8.29 1.95
C LEU A 20 -3.76 8.85 1.81
N ARG A 21 -4.82 8.00 1.77
CA ARG A 21 -6.20 8.47 1.86
C ARG A 21 -6.52 9.14 3.18
N SER A 22 -5.99 8.60 4.32
CA SER A 22 -6.30 9.08 5.66
C SER A 22 -5.87 10.50 5.96
N GLY A 23 -4.82 11.02 5.27
CA GLY A 23 -4.52 12.44 5.28
C GLY A 23 -3.05 12.74 5.27
N ASP A 24 -2.24 12.04 6.09
CA ASP A 24 -0.85 12.40 6.30
C ASP A 24 0.09 11.87 5.21
N MET A 25 -0.12 12.34 3.95
CA MET A 25 0.59 11.91 2.76
C MET A 25 2.08 12.19 2.81
N LYS A 26 2.44 13.42 3.25
CA LYS A 26 3.78 13.98 3.20
C LYS A 26 4.78 13.17 4.00
N ASP A 27 4.32 12.59 5.13
CA ASP A 27 5.11 11.75 6.00
C ASP A 27 5.65 10.48 5.33
N SER A 28 4.93 9.82 4.38
CA SER A 28 5.54 8.65 3.76
C SER A 28 5.15 8.41 2.30
N ILE A 29 3.85 8.42 1.94
CA ILE A 29 3.42 8.03 0.60
C ILE A 29 2.50 9.10 0.10
N TRP A 30 2.81 9.56 -1.10
CA TRP A 30 2.04 10.57 -1.81
C TRP A 30 1.70 10.16 -3.24
N TRP A 31 0.64 10.80 -3.79
CA TRP A 31 0.26 10.70 -5.19
C TRP A 31 1.24 11.55 -5.97
N VAL A 32 1.87 10.99 -7.02
CA VAL A 32 2.71 11.78 -7.90
C VAL A 32 1.86 12.23 -9.07
N ASP A 33 0.91 11.37 -9.52
CA ASP A 33 0.09 11.66 -10.67
C ASP A 33 -1.28 11.02 -10.43
N LYS A 34 -2.32 11.83 -10.16
CA LYS A 34 -3.67 11.35 -9.87
C LYS A 34 -4.33 10.59 -11.02
N ASP A 35 -4.18 11.08 -12.27
CA ASP A 35 -4.74 10.45 -13.46
C ASP A 35 -4.12 9.08 -13.76
N LYS A 36 -2.78 8.94 -13.64
CA LYS A 36 -2.06 7.72 -13.91
C LYS A 36 -2.26 6.71 -12.80
N GLY A 37 -2.21 7.20 -11.54
CA GLY A 37 -2.23 6.35 -10.36
C GLY A 37 -0.87 5.81 -10.03
N THR A 38 0.18 6.59 -10.37
CA THR A 38 1.53 6.49 -9.83
C THR A 38 1.59 7.03 -8.42
N PHE A 39 2.27 6.29 -7.54
CA PHE A 39 2.54 6.72 -6.18
C PHE A 39 4.02 6.59 -5.94
N GLN A 40 4.63 7.59 -5.27
CA GLN A 40 6.01 7.51 -4.81
C GLN A 40 6.08 7.18 -3.33
N PHE A 41 7.08 6.34 -2.96
CA PHE A 41 7.38 5.99 -1.59
C PHE A 41 8.60 6.79 -1.16
N SER A 42 8.57 7.40 0.05
CA SER A 42 9.68 8.22 0.53
C SER A 42 10.95 7.44 0.81
N SER A 43 12.12 7.93 0.32
CA SER A 43 13.43 7.34 0.56
C SER A 43 13.92 7.45 2.00
N LYS A 44 13.76 8.64 2.63
CA LYS A 44 14.20 8.96 3.97
C LYS A 44 13.49 8.16 5.06
N HIS A 45 12.17 7.95 4.89
CA HIS A 45 11.30 7.46 5.94
C HIS A 45 10.94 5.99 5.74
N LYS A 46 11.65 5.26 4.84
CA LYS A 46 11.28 3.92 4.44
C LYS A 46 11.30 2.90 5.58
N GLU A 47 12.32 2.96 6.48
CA GLU A 47 12.37 2.14 7.67
C GLU A 47 11.36 2.54 8.74
N ALA A 48 11.02 3.85 8.85
CA ALA A 48 9.99 4.35 9.75
C ALA A 48 8.60 3.86 9.37
N LEU A 49 8.26 3.91 8.06
CA LEU A 49 7.03 3.33 7.52
C LEU A 49 6.97 1.84 7.72
N ALA A 50 8.09 1.15 7.38
CA ALA A 50 8.23 -0.29 7.58
C ALA A 50 8.08 -0.71 9.04
N HIS A 51 8.67 0.05 10.00
CA HIS A 51 8.46 -0.13 11.43
C HIS A 51 7.01 0.08 11.87
N ARG A 52 6.31 1.14 11.39
CA ARG A 52 4.89 1.36 11.64
C ARG A 52 3.99 0.25 11.13
N TRP A 53 4.27 -0.28 9.92
CA TRP A 53 3.69 -1.50 9.35
C TRP A 53 4.00 -2.72 10.19
N GLY A 54 5.26 -2.89 10.67
CA GLY A 54 5.61 -3.97 11.56
C GLY A 54 4.88 -3.97 12.88
N ILE A 55 4.80 -2.80 13.57
CA ILE A 55 3.99 -2.70 14.78
C ILE A 55 2.50 -2.72 14.48
N GLN A 56 2.03 -2.28 13.28
CA GLN A 56 0.64 -2.55 12.89
C GLN A 56 0.34 -4.03 12.69
N LYS A 57 1.22 -4.77 11.99
CA LYS A 57 1.09 -6.18 11.70
C LYS A 57 1.22 -7.07 12.93
N GLY A 58 2.23 -6.82 13.80
CA GLY A 58 2.36 -7.51 15.07
C GLY A 58 3.80 -7.70 15.45
N ASN A 59 4.07 -7.86 16.76
CA ASN A 59 5.43 -7.84 17.31
C ASN A 59 6.08 -9.21 17.30
N ARG A 60 5.41 -10.24 16.75
CA ARG A 60 5.87 -11.61 16.69
C ARG A 60 7.14 -11.82 15.89
N LYS A 61 7.25 -11.18 14.71
CA LYS A 61 8.44 -11.22 13.87
C LYS A 61 8.80 -9.80 13.52
N LYS A 62 10.10 -9.47 13.45
CA LYS A 62 10.54 -8.11 13.15
C LYS A 62 10.45 -7.81 11.66
N MET A 63 9.85 -6.66 11.32
CA MET A 63 9.70 -6.17 9.97
C MET A 63 10.80 -5.17 9.66
N THR A 64 11.33 -5.23 8.43
CA THR A 64 12.38 -4.36 7.95
C THR A 64 12.03 -4.02 6.52
N TYR A 65 12.82 -3.13 5.87
CA TYR A 65 12.56 -2.61 4.54
C TYR A 65 12.50 -3.70 3.48
N GLN A 66 13.46 -4.66 3.50
CA GLN A 66 13.55 -5.70 2.49
C GLN A 66 12.32 -6.56 2.52
N LYS A 67 11.88 -6.89 3.75
CA LYS A 67 10.89 -7.89 4.00
C LYS A 67 9.55 -7.48 3.41
N MET A 68 9.19 -6.19 3.62
CA MET A 68 8.10 -5.49 2.95
C MET A 68 8.31 -5.31 1.46
N ALA A 69 9.51 -4.87 1.02
CA ALA A 69 9.83 -4.58 -0.37
C ALA A 69 9.72 -5.79 -1.28
N ARG A 70 10.20 -6.97 -0.83
CA ARG A 70 10.04 -8.23 -1.54
C ARG A 70 8.61 -8.66 -1.71
N ALA A 71 7.79 -8.52 -0.65
CA ALA A 71 6.37 -8.77 -0.70
C ALA A 71 5.63 -7.79 -1.61
N LEU A 72 5.97 -6.48 -1.55
CA LEU A 72 5.40 -5.42 -2.37
C LEU A 72 5.72 -5.64 -3.85
N ARG A 73 6.97 -6.06 -4.18
CA ARG A 73 7.36 -6.38 -5.54
C ARG A 73 6.54 -7.51 -6.15
N ASN A 74 6.27 -8.59 -5.38
CA ASN A 74 5.59 -9.80 -5.82
C ASN A 74 4.12 -9.62 -6.21
N TYR A 75 3.49 -8.44 -5.98
CA TYR A 75 2.20 -8.10 -6.58
C TYR A 75 2.26 -7.95 -8.09
N GLY A 76 3.46 -7.64 -8.65
CA GLY A 76 3.67 -7.26 -10.05
C GLY A 76 3.22 -8.28 -11.07
N LYS A 77 3.38 -9.60 -10.79
CA LYS A 77 2.89 -10.68 -11.61
C LYS A 77 1.36 -10.70 -11.74
N THR A 78 0.63 -10.35 -10.66
CA THR A 78 -0.82 -10.24 -10.61
C THR A 78 -1.27 -8.94 -11.25
N GLY A 79 -0.55 -7.83 -10.98
CA GLY A 79 -0.76 -6.55 -11.65
C GLY A 79 -1.64 -5.60 -10.90
N GLU A 80 -2.00 -5.94 -9.65
CA GLU A 80 -2.75 -5.10 -8.72
C GLU A 80 -1.99 -3.84 -8.35
N VAL A 81 -0.70 -4.02 -8.05
CA VAL A 81 0.29 -2.98 -7.86
C VAL A 81 1.44 -3.38 -8.79
N LYS A 82 1.86 -2.48 -9.71
CA LYS A 82 2.91 -2.75 -10.67
C LYS A 82 4.09 -1.82 -10.45
N LYS A 83 5.32 -2.38 -10.56
CA LYS A 83 6.57 -1.66 -10.49
C LYS A 83 6.76 -0.71 -11.67
N VAL A 84 7.61 0.32 -11.46
CA VAL A 84 7.96 1.33 -12.44
C VAL A 84 9.46 1.24 -12.53
N LYS A 85 10.08 1.83 -13.58
CA LYS A 85 11.51 1.89 -13.79
C LYS A 85 12.23 2.63 -12.65
N LYS A 86 11.52 3.56 -11.96
CA LYS A 86 12.03 4.16 -10.74
C LYS A 86 11.62 3.25 -9.59
N LYS A 87 12.60 2.81 -8.76
CA LYS A 87 12.45 1.73 -7.78
C LYS A 87 11.41 2.01 -6.71
N LEU A 88 11.32 3.27 -6.25
CA LEU A 88 10.45 3.67 -5.16
C LEU A 88 9.10 4.16 -5.67
N THR A 89 8.80 3.96 -6.99
CA THR A 89 7.55 4.40 -7.60
C THR A 89 6.78 3.17 -8.03
N TYR A 90 5.48 3.07 -7.65
CA TYR A 90 4.58 2.01 -8.13
C TYR A 90 3.33 2.60 -8.74
N GLN A 91 2.76 1.86 -9.71
CA GLN A 91 1.46 2.11 -10.30
C GLN A 91 0.46 1.16 -9.70
N PHE A 92 -0.72 1.68 -9.29
CA PHE A 92 -1.79 0.87 -8.75
C PHE A 92 -2.90 0.73 -9.77
N SER A 93 -3.57 -0.45 -9.77
CA SER A 93 -4.61 -0.79 -10.74
C SER A 93 -5.96 -0.16 -10.40
N GLY A 94 -6.94 -0.27 -11.32
CA GLY A 94 -8.29 0.26 -11.18
C GLY A 94 -9.07 -0.31 -10.02
N GLU A 95 -8.99 -1.64 -9.80
CA GLU A 95 -9.75 -2.37 -8.78
C GLU A 95 -9.40 -1.94 -7.36
N VAL A 96 -8.09 -1.77 -7.06
CA VAL A 96 -7.57 -1.33 -5.78
C VAL A 96 -7.93 0.09 -5.37
N LEU A 97 -7.86 1.06 -6.31
CA LEU A 97 -8.37 2.41 -6.09
C LEU A 97 -9.89 2.46 -6.05
N GLY A 98 -10.57 1.70 -6.93
CA GLY A 98 -12.02 1.69 -7.02
C GLY A 98 -12.55 2.72 -7.98
N ARG A 99 -11.64 3.36 -8.75
CA ARG A 99 -11.92 4.37 -9.74
C ARG A 99 -12.67 3.90 -10.98
N GLY A 100 -12.58 2.60 -11.32
CA GLY A 100 -13.29 2.04 -12.47
C GLY A 100 -14.75 1.81 -12.17
N GLY A 101 -15.63 2.11 -13.16
CA GLY A 101 -17.08 2.08 -12.98
C GLY A 101 -17.69 0.71 -13.08
N LEU A 102 -17.29 -0.20 -12.16
CA LEU A 102 -17.88 -1.51 -12.00
C LEU A 102 -19.12 -1.42 -11.11
N ALA A 103 -20.14 -2.26 -11.40
CA ALA A 103 -21.29 -2.42 -10.54
C ALA A 103 -20.95 -3.26 -9.32
N GLU A 104 -21.65 -3.04 -8.18
CA GLU A 104 -21.39 -3.78 -6.96
C GLU A 104 -21.96 -5.19 -7.06
N ARG A 105 -21.10 -6.21 -6.84
CA ARG A 105 -21.47 -7.61 -6.93
C ARG A 105 -20.47 -8.42 -6.14
N ARG A 106 -20.82 -9.69 -5.83
CA ARG A 106 -20.03 -10.57 -4.97
C ARG A 106 -18.68 -11.00 -5.51
N LEU A 107 -18.56 -11.21 -6.84
CA LEU A 107 -17.33 -11.65 -7.47
C LEU A 107 -16.75 -10.48 -8.25
N PRO A 108 -15.58 -9.91 -7.94
CA PRO A 108 -14.97 -8.88 -8.77
C PRO A 108 -14.36 -9.48 -10.02
N PRO A 109 -14.17 -8.77 -11.14
CA PRO A 109 -13.45 -9.28 -12.29
C PRO A 109 -11.96 -9.38 -12.02
N HIS A 110 -11.27 -10.35 -12.66
CA HIS A 110 -9.84 -10.55 -12.48
C HIS A 110 -8.93 -9.53 -13.23
#